data_1RIM
#
_entry.id   1RIM
#
_cell.length_a   1.000
_cell.length_b   1.000
_cell.length_c   1.000
_cell.angle_alpha   90.00
_cell.angle_beta   90.00
_cell.angle_gamma   90.00
#
_symmetry.space_group_name_H-M   'P 1'
#
_entity_poly.entity_id   1
_entity_poly.type   'polypeptide(L)'
_entity_poly.pdbx_seq_one_letter_code
;YKFACPECPKRFMRSDHLSKHITLHELLGEERR
;
_entity_poly.pdbx_strand_id   A
#
# COMPACT_ATOMS: atom_id res chain seq x y z
N TYR A 1 0.57 -8.43 8.91
CA TYR A 1 1.66 -7.47 8.55
C TYR A 1 2.92 -8.20 8.11
N LYS A 2 3.66 -7.58 7.19
CA LYS A 2 4.89 -8.17 6.65
C LYS A 2 5.59 -7.22 5.68
N PHE A 3 4.80 -6.59 4.80
CA PHE A 3 5.33 -5.66 3.81
C PHE A 3 5.08 -4.21 4.23
N ALA A 4 5.42 -3.28 3.34
CA ALA A 4 5.24 -1.85 3.59
C ALA A 4 5.41 -1.03 2.32
N CYS A 5 4.35 -0.34 1.92
CA CYS A 5 4.37 0.49 0.72
C CYS A 5 5.50 1.52 0.77
N PRO A 6 6.11 1.82 -0.39
CA PRO A 6 7.20 2.80 -0.47
C PRO A 6 6.71 4.24 -0.27
N GLU A 7 5.40 4.44 -0.39
CA GLU A 7 4.81 5.77 -0.22
C GLU A 7 4.14 5.92 1.16
N CYS A 8 3.30 4.95 1.52
CA CYS A 8 2.60 5.01 2.82
C CYS A 8 3.18 4.03 3.82
N PRO A 9 2.83 4.26 5.10
CA PRO A 9 3.27 3.44 6.22
C PRO A 9 2.40 2.19 6.43
N LYS A 10 1.42 1.97 5.55
CA LYS A 10 0.53 0.83 5.65
C LYS A 10 1.29 -0.49 5.54
N ARG A 11 1.05 -1.37 6.51
CA ARG A 11 1.70 -2.68 6.53
C ARG A 11 0.70 -3.76 6.15
N PHE A 12 0.97 -4.43 5.03
CA PHE A 12 0.08 -5.49 4.54
C PHE A 12 0.67 -6.86 4.90
N MET A 13 -0.11 -7.92 4.70
CA MET A 13 0.33 -9.28 5.02
C MET A 13 1.24 -9.85 3.92
N ARG A 14 0.94 -9.55 2.66
CA ARG A 14 1.74 -10.06 1.53
C ARG A 14 2.17 -8.93 0.61
N SER A 15 3.30 -9.13 -0.07
CA SER A 15 3.84 -8.14 -1.01
C SER A 15 2.80 -7.79 -2.09
N ASP A 16 2.11 -8.80 -2.60
CA ASP A 16 1.10 -8.59 -3.64
C ASP A 16 -0.04 -7.70 -3.14
N HIS A 17 -0.36 -7.79 -1.84
CA HIS A 17 -1.42 -6.97 -1.25
C HIS A 17 -1.12 -5.48 -1.46
N LEU A 18 0.17 -5.13 -1.58
CA LEU A 18 0.59 -3.76 -1.80
C LEU A 18 0.79 -3.49 -3.28
N SER A 19 1.58 -4.35 -3.93
CA SER A 19 1.87 -4.19 -5.37
C SER A 19 0.67 -3.68 -6.15
N LYS A 20 -0.52 -4.20 -5.84
CA LYS A 20 -1.75 -3.77 -6.51
C LYS A 20 -2.27 -2.47 -5.90
N HIS A 21 -2.09 -2.32 -4.59
CA HIS A 21 -2.54 -1.12 -3.87
C HIS A 21 -1.58 0.07 -4.07
N ILE A 22 -0.28 -0.19 -4.23
CA ILE A 22 0.70 0.89 -4.40
C ILE A 22 0.45 1.67 -5.68
N THR A 23 0.29 0.97 -6.79
CA THR A 23 0.03 1.63 -8.08
C THR A 23 -1.10 2.65 -7.97
N LEU A 24 -2.11 2.35 -7.16
CA LEU A 24 -3.26 3.24 -6.97
C LEU A 24 -3.05 4.17 -5.77
N HIS A 25 -2.54 3.63 -4.66
CA HIS A 25 -2.30 4.42 -3.47
C HIS A 25 -1.20 5.45 -3.73
N GLU A 26 -0.27 5.10 -4.63
CA GLU A 26 0.80 6.04 -4.99
C GLU A 26 0.22 7.18 -5.82
N LEU A 27 -0.94 6.94 -6.45
CA LEU A 27 -1.59 7.97 -7.26
C LEU A 27 -2.25 9.02 -6.36
N LEU A 28 -3.30 8.63 -5.66
CA LEU A 28 -4.01 9.53 -4.75
C LEU A 28 -3.69 9.22 -3.29
N GLY A 29 -3.88 7.95 -2.90
CA GLY A 29 -3.61 7.55 -1.53
C GLY A 29 -4.88 7.37 -0.72
N GLU A 30 -5.58 6.26 -0.97
CA GLU A 30 -6.82 5.95 -0.27
C GLU A 30 -6.54 5.19 1.03
N GLU A 31 -6.79 5.85 2.16
CA GLU A 31 -6.57 5.25 3.48
C GLU A 31 -7.90 4.86 4.12
N ARG A 32 -7.90 3.73 4.81
CA ARG A 32 -9.10 3.24 5.50
C ARG A 32 -9.45 4.11 6.69
N ARG A 33 -8.45 4.36 7.55
CA ARG A 33 -8.65 5.18 8.74
C ARG A 33 -7.89 6.51 8.62
N TYR A 1 2.68 -10.14 8.55
CA TYR A 1 2.33 -8.75 8.16
C TYR A 1 3.52 -7.80 8.33
N LYS A 2 4.48 -7.91 7.42
CA LYS A 2 5.68 -7.07 7.47
C LYS A 2 6.07 -6.56 6.08
N PHE A 3 5.17 -5.79 5.46
CA PHE A 3 5.41 -5.24 4.13
C PHE A 3 4.67 -3.92 3.96
N ALA A 4 5.43 -2.82 3.87
CA ALA A 4 4.85 -1.50 3.71
C ALA A 4 5.18 -0.90 2.34
N CYS A 5 4.24 -0.13 1.80
CA CYS A 5 4.42 0.50 0.50
C CYS A 5 5.56 1.52 0.53
N PRO A 6 6.18 1.79 -0.64
CA PRO A 6 7.27 2.76 -0.75
C PRO A 6 6.84 4.18 -0.37
N GLU A 7 5.53 4.44 -0.45
CA GLU A 7 4.97 5.75 -0.14
C GLU A 7 4.38 5.79 1.28
N CYS A 8 3.49 4.84 1.60
CA CYS A 8 2.87 4.81 2.92
C CYS A 8 3.43 3.73 3.83
N PRO A 9 3.17 3.91 5.13
CA PRO A 9 3.62 2.99 6.18
C PRO A 9 2.65 1.82 6.42
N LYS A 10 1.53 1.79 5.67
CA LYS A 10 0.54 0.73 5.82
C LYS A 10 1.17 -0.66 5.73
N ARG A 11 0.90 -1.47 6.75
CA ARG A 11 1.43 -2.83 6.80
C ARG A 11 0.41 -3.83 6.28
N PHE A 12 0.73 -4.47 5.15
CA PHE A 12 -0.16 -5.45 4.55
C PHE A 12 0.23 -6.86 4.98
N MET A 13 -0.39 -7.87 4.35
CA MET A 13 -0.11 -9.27 4.68
C MET A 13 0.98 -9.83 3.75
N ARG A 14 0.93 -9.47 2.47
CA ARG A 14 1.91 -9.94 1.49
C ARG A 14 2.36 -8.82 0.57
N SER A 15 3.52 -9.01 -0.06
CA SER A 15 4.07 -8.01 -0.99
C SER A 15 3.07 -7.69 -2.10
N ASP A 16 2.41 -8.73 -2.62
CA ASP A 16 1.42 -8.56 -3.69
C ASP A 16 0.25 -7.71 -3.23
N HIS A 17 -0.14 -7.85 -1.95
CA HIS A 17 -1.25 -7.06 -1.39
C HIS A 17 -0.99 -5.56 -1.59
N LEU A 18 0.29 -5.17 -1.60
CA LEU A 18 0.68 -3.79 -1.80
C LEU A 18 0.80 -3.50 -3.28
N SER A 19 1.54 -4.36 -3.98
CA SER A 19 1.78 -4.20 -5.42
C SER A 19 0.52 -3.71 -6.15
N LYS A 20 -0.65 -4.24 -5.75
CA LYS A 20 -1.91 -3.83 -6.36
C LYS A 20 -2.42 -2.53 -5.75
N HIS A 21 -2.13 -2.31 -4.46
CA HIS A 21 -2.55 -1.11 -3.75
C HIS A 21 -1.63 0.07 -4.04
N ILE A 22 -0.34 -0.18 -4.26
CA ILE A 22 0.61 0.90 -4.53
C ILE A 22 0.32 1.61 -5.84
N THR A 23 0.05 0.86 -6.89
CA THR A 23 -0.25 1.45 -8.19
C THR A 23 -1.38 2.50 -8.11
N LEU A 24 -2.27 2.35 -7.13
CA LEU A 24 -3.38 3.30 -6.94
C LEU A 24 -3.07 4.26 -5.78
N HIS A 25 -2.53 3.71 -4.68
CA HIS A 25 -2.19 4.51 -3.51
C HIS A 25 -1.01 5.44 -3.83
N GLU A 26 -0.13 5.00 -4.72
CA GLU A 26 1.01 5.82 -5.12
C GLU A 26 0.52 6.95 -6.03
N LEU A 27 -0.62 6.73 -6.68
CA LEU A 27 -1.20 7.74 -7.57
C LEU A 27 -1.72 8.93 -6.77
N LEU A 28 -2.73 8.70 -5.94
CA LEU A 28 -3.32 9.75 -5.11
C LEU A 28 -2.87 9.61 -3.65
N GLY A 29 -3.15 8.44 -3.05
CA GLY A 29 -2.78 8.20 -1.67
C GLY A 29 -3.96 8.32 -0.72
N GLU A 30 -4.98 7.47 -0.94
CA GLU A 30 -6.17 7.47 -0.10
C GLU A 30 -6.53 6.05 0.35
N GLU A 31 -6.33 5.77 1.63
CA GLU A 31 -6.65 4.45 2.18
C GLU A 31 -8.12 4.37 2.62
N ARG A 32 -8.64 3.15 2.67
CA ARG A 32 -10.03 2.92 3.08
C ARG A 32 -10.26 3.39 4.52
N ARG A 33 -9.50 2.81 5.45
CA ARG A 33 -9.62 3.16 6.86
C ARG A 33 -8.25 3.08 7.56
N TYR A 1 1.59 -9.36 9.23
CA TYR A 1 1.96 -8.29 8.26
C TYR A 1 3.46 -8.00 8.28
N LYS A 2 4.09 -8.05 7.11
CA LYS A 2 5.53 -7.80 7.00
C LYS A 2 5.88 -7.19 5.64
N PHE A 3 5.11 -6.19 5.21
CA PHE A 3 5.35 -5.52 3.93
C PHE A 3 4.63 -4.18 3.88
N ALA A 4 5.40 -3.10 3.74
CA ALA A 4 4.85 -1.75 3.67
C ALA A 4 5.21 -1.07 2.36
N CYS A 5 4.26 -0.30 1.82
CA CYS A 5 4.47 0.41 0.55
C CYS A 5 5.59 1.44 0.67
N PRO A 6 6.26 1.75 -0.44
CA PRO A 6 7.35 2.74 -0.46
C PRO A 6 6.84 4.17 -0.25
N GLU A 7 5.51 4.36 -0.39
CA GLU A 7 4.90 5.68 -0.23
C GLU A 7 4.24 5.81 1.15
N CYS A 8 3.40 4.83 1.53
CA CYS A 8 2.71 4.87 2.82
C CYS A 8 3.30 3.91 3.83
N PRO A 9 2.96 4.15 5.10
CA PRO A 9 3.41 3.35 6.23
C PRO A 9 2.53 2.12 6.50
N LYS A 10 1.45 1.97 5.71
CA LYS A 10 0.53 0.84 5.87
C LYS A 10 1.24 -0.50 5.74
N ARG A 11 0.99 -1.38 6.70
CA ARG A 11 1.59 -2.71 6.72
C ARG A 11 0.58 -3.75 6.24
N PHE A 12 0.91 -4.43 5.15
CA PHE A 12 0.04 -5.45 4.57
C PHE A 12 0.52 -6.85 4.95
N MET A 13 -0.23 -7.87 4.56
CA MET A 13 0.12 -9.26 4.86
C MET A 13 1.12 -9.83 3.85
N ARG A 14 0.97 -9.48 2.57
CA ARG A 14 1.86 -9.99 1.53
C ARG A 14 2.30 -8.87 0.58
N SER A 15 3.42 -9.09 -0.11
CA SER A 15 3.96 -8.12 -1.06
C SER A 15 2.94 -7.76 -2.13
N ASP A 16 2.21 -8.77 -2.64
CA ASP A 16 1.20 -8.55 -3.67
C ASP A 16 0.06 -7.66 -3.16
N HIS A 17 -0.25 -7.76 -1.86
CA HIS A 17 -1.31 -6.94 -1.26
C HIS A 17 -1.03 -5.45 -1.50
N LEU A 18 0.26 -5.11 -1.61
CA LEU A 18 0.67 -3.73 -1.84
C LEU A 18 0.84 -3.48 -3.33
N SER A 19 1.60 -4.34 -3.99
CA SER A 19 1.87 -4.20 -5.43
C SER A 19 0.65 -3.71 -6.20
N LYS A 20 -0.53 -4.22 -5.86
CA LYS A 20 -1.76 -3.80 -6.53
C LYS A 20 -2.30 -2.51 -5.89
N HIS A 21 -2.07 -2.34 -4.59
CA HIS A 21 -2.52 -1.16 -3.86
C HIS A 21 -1.60 0.05 -4.10
N ILE A 22 -0.31 -0.20 -4.32
CA ILE A 22 0.65 0.90 -4.53
C ILE A 22 0.35 1.68 -5.81
N THR A 23 0.13 0.97 -6.90
CA THR A 23 -0.17 1.61 -8.18
C THR A 23 -1.33 2.61 -8.07
N LEU A 24 -2.24 2.37 -7.13
CA LEU A 24 -3.39 3.26 -6.92
C LEU A 24 -3.15 4.18 -5.73
N HIS A 25 -2.59 3.64 -4.66
CA HIS A 25 -2.31 4.42 -3.46
C HIS A 25 -1.21 5.44 -3.73
N GLU A 26 -0.31 5.13 -4.66
CA GLU A 26 0.73 6.08 -5.02
C GLU A 26 0.11 7.26 -5.77
N LEU A 27 -1.12 7.07 -6.28
CA LEU A 27 -1.83 8.12 -7.00
C LEU A 27 -2.77 8.89 -6.06
N LEU A 28 -3.59 8.15 -5.31
CA LEU A 28 -4.54 8.75 -4.38
C LEU A 28 -3.93 8.89 -2.98
N GLY A 29 -4.77 9.24 -2.00
CA GLY A 29 -4.31 9.41 -0.63
C GLY A 29 -5.44 9.69 0.33
N GLU A 30 -6.13 8.64 0.77
CA GLU A 30 -7.25 8.78 1.70
C GLU A 30 -6.86 8.33 3.11
N GLU A 31 -7.27 9.11 4.11
CA GLU A 31 -6.97 8.80 5.50
C GLU A 31 -8.20 8.24 6.22
N ARG A 32 -8.75 7.15 5.71
CA ARG A 32 -9.93 6.52 6.30
C ARG A 32 -9.56 5.24 7.05
N ARG A 33 -8.87 4.33 6.37
CA ARG A 33 -8.45 3.07 6.97
C ARG A 33 -7.06 2.67 6.50
N TYR A 1 1.40 -9.59 8.30
CA TYR A 1 1.69 -8.17 7.96
C TYR A 1 3.19 -7.89 8.01
N LYS A 2 3.83 -7.94 6.84
CA LYS A 2 5.27 -7.70 6.75
C LYS A 2 5.64 -7.04 5.42
N PHE A 3 4.89 -6.02 5.02
CA PHE A 3 5.14 -5.31 3.76
C PHE A 3 4.58 -3.90 3.82
N ALA A 4 5.45 -2.91 3.63
CA ALA A 4 5.04 -1.51 3.65
C ALA A 4 5.37 -0.81 2.33
N CYS A 5 4.44 0.02 1.87
CA CYS A 5 4.61 0.75 0.62
C CYS A 5 5.78 1.74 0.71
N PRO A 6 6.41 2.05 -0.44
CA PRO A 6 7.54 2.99 -0.49
C PRO A 6 7.12 4.43 -0.18
N GLU A 7 5.81 4.70 -0.24
CA GLU A 7 5.28 6.04 0.03
C GLU A 7 4.57 6.10 1.38
N CYS A 8 3.62 5.19 1.62
CA CYS A 8 2.88 5.18 2.88
C CYS A 8 3.34 4.08 3.82
N PRO A 9 2.91 4.19 5.08
CA PRO A 9 3.24 3.25 6.15
C PRO A 9 2.32 2.01 6.19
N LYS A 10 1.37 1.93 5.26
CA LYS A 10 0.42 0.81 5.20
C LYS A 10 1.16 -0.53 5.20
N ARG A 11 0.86 -1.36 6.19
CA ARG A 11 1.49 -2.68 6.32
C ARG A 11 0.53 -3.79 5.92
N PHE A 12 0.81 -4.44 4.79
CA PHE A 12 -0.03 -5.53 4.29
C PHE A 12 0.59 -6.88 4.64
N MET A 13 -0.19 -7.95 4.51
CA MET A 13 0.28 -9.30 4.82
C MET A 13 1.11 -9.87 3.67
N ARG A 14 0.70 -9.60 2.43
CA ARG A 14 1.42 -10.09 1.26
C ARG A 14 1.96 -8.94 0.42
N SER A 15 3.09 -9.18 -0.24
CA SER A 15 3.71 -8.17 -1.08
C SER A 15 2.82 -7.84 -2.28
N ASP A 16 2.11 -8.84 -2.79
CA ASP A 16 1.21 -8.64 -3.93
C ASP A 16 0.03 -7.76 -3.52
N HIS A 17 -0.45 -7.95 -2.28
CA HIS A 17 -1.56 -7.16 -1.75
C HIS A 17 -1.17 -5.68 -1.74
N LEU A 18 0.09 -5.42 -1.41
CA LEU A 18 0.64 -4.08 -1.36
C LEU A 18 1.03 -3.62 -2.76
N SER A 19 1.61 -4.55 -3.53
CA SER A 19 2.02 -4.25 -4.90
C SER A 19 0.82 -3.77 -5.72
N LYS A 20 -0.36 -4.27 -5.36
CA LYS A 20 -1.60 -3.88 -6.03
C LYS A 20 -2.14 -2.59 -5.43
N HIS A 21 -1.90 -2.37 -4.13
CA HIS A 21 -2.35 -1.17 -3.46
C HIS A 21 -1.48 0.04 -3.81
N ILE A 22 -0.18 -0.19 -4.01
CA ILE A 22 0.73 0.92 -4.34
C ILE A 22 0.37 1.58 -5.66
N THR A 23 0.09 0.79 -6.68
CA THR A 23 -0.26 1.33 -7.99
C THR A 23 -1.45 2.31 -7.91
N LEU A 24 -2.36 2.07 -6.95
CA LEU A 24 -3.52 2.94 -6.76
C LEU A 24 -3.26 3.99 -5.67
N HIS A 25 -2.64 3.55 -4.57
CA HIS A 25 -2.33 4.45 -3.45
C HIS A 25 -1.26 5.46 -3.86
N GLU A 26 -0.39 5.06 -4.79
CA GLU A 26 0.64 5.95 -5.30
C GLU A 26 0.08 6.80 -6.44
N LEU A 27 -0.94 6.28 -7.13
CA LEU A 27 -1.57 6.99 -8.23
C LEU A 27 -2.38 8.19 -7.71
N LEU A 28 -3.19 7.96 -6.69
CA LEU A 28 -4.02 9.01 -6.10
C LEU A 28 -3.34 9.64 -4.89
N GLY A 29 -3.03 8.81 -3.89
CA GLY A 29 -2.39 9.30 -2.68
C GLY A 29 -3.39 9.75 -1.63
N GLU A 30 -4.00 8.78 -0.95
CA GLU A 30 -4.99 9.07 0.08
C GLU A 30 -5.07 7.94 1.10
N GLU A 31 -5.53 8.27 2.31
CA GLU A 31 -5.66 7.29 3.39
C GLU A 31 -7.12 6.92 3.61
N ARG A 32 -7.34 5.80 4.30
CA ARG A 32 -8.69 5.32 4.60
C ARG A 32 -9.41 6.25 5.56
N ARG A 33 -10.68 6.54 5.26
CA ARG A 33 -11.49 7.42 6.10
C ARG A 33 -11.87 6.72 7.40
N TYR A 1 2.01 -10.31 8.36
CA TYR A 1 2.20 -8.85 8.11
C TYR A 1 3.67 -8.46 8.18
N LYS A 2 4.22 -8.05 7.04
CA LYS A 2 5.63 -7.63 6.95
C LYS A 2 5.95 -7.06 5.58
N PHE A 3 5.14 -6.10 5.13
CA PHE A 3 5.35 -5.46 3.82
C PHE A 3 4.60 -4.14 3.74
N ALA A 4 5.36 -3.04 3.77
CA ALA A 4 4.78 -1.70 3.71
C ALA A 4 5.10 -1.02 2.37
N CYS A 5 4.15 -0.21 1.89
CA CYS A 5 4.31 0.50 0.62
C CYS A 5 5.45 1.52 0.69
N PRO A 6 6.07 1.82 -0.46
CA PRO A 6 7.16 2.79 -0.55
C PRO A 6 6.71 4.21 -0.20
N GLU A 7 5.40 4.47 -0.29
CA GLU A 7 4.85 5.79 0.01
C GLU A 7 4.21 5.84 1.40
N CYS A 8 3.33 4.89 1.72
CA CYS A 8 2.66 4.88 3.02
C CYS A 8 3.27 3.89 4.00
N PRO A 9 2.99 4.11 5.28
CA PRO A 9 3.47 3.28 6.37
C PRO A 9 2.60 2.04 6.62
N LYS A 10 1.47 1.94 5.91
CA LYS A 10 0.55 0.82 6.04
C LYS A 10 1.25 -0.51 5.83
N ARG A 11 1.14 -1.39 6.83
CA ARG A 11 1.77 -2.71 6.76
C ARG A 11 0.75 -3.75 6.28
N PHE A 12 1.00 -4.32 5.12
CA PHE A 12 0.12 -5.35 4.54
C PHE A 12 0.56 -6.73 5.00
N MET A 13 -0.12 -7.76 4.51
CA MET A 13 0.21 -9.14 4.86
C MET A 13 1.16 -9.78 3.84
N ARG A 14 1.02 -9.41 2.57
CA ARG A 14 1.87 -9.95 1.50
C ARG A 14 2.37 -8.84 0.58
N SER A 15 3.42 -9.14 -0.19
CA SER A 15 4.00 -8.18 -1.12
C SER A 15 2.99 -7.81 -2.21
N ASP A 16 2.29 -8.82 -2.74
CA ASP A 16 1.28 -8.60 -3.78
C ASP A 16 0.13 -7.74 -3.25
N HIS A 17 -0.17 -7.85 -1.95
CA HIS A 17 -1.23 -7.07 -1.32
C HIS A 17 -1.00 -5.58 -1.55
N LEU A 18 0.28 -5.20 -1.66
CA LEU A 18 0.65 -3.81 -1.90
C LEU A 18 0.70 -3.53 -3.38
N SER A 19 1.42 -4.37 -4.11
CA SER A 19 1.58 -4.22 -5.57
C SER A 19 0.29 -3.72 -6.23
N LYS A 20 -0.85 -4.26 -5.81
CA LYS A 20 -2.15 -3.86 -6.36
C LYS A 20 -2.61 -2.53 -5.75
N HIS A 21 -2.27 -2.32 -4.48
CA HIS A 21 -2.64 -1.10 -3.77
C HIS A 21 -1.69 0.06 -4.08
N ILE A 22 -0.40 -0.21 -4.22
CA ILE A 22 0.58 0.85 -4.50
C ILE A 22 0.35 1.53 -5.84
N THR A 23 0.16 0.75 -6.89
CA THR A 23 -0.06 1.30 -8.23
C THR A 23 -1.10 2.43 -8.22
N LEU A 24 -2.06 2.36 -7.29
CA LEU A 24 -3.10 3.38 -7.17
C LEU A 24 -2.80 4.31 -5.99
N HIS A 25 -2.32 3.72 -4.88
CA HIS A 25 -1.99 4.49 -3.69
C HIS A 25 -0.80 5.40 -3.95
N GLU A 26 0.09 4.99 -4.85
CA GLU A 26 1.24 5.82 -5.20
C GLU A 26 0.76 7.08 -5.93
N LEU A 27 -0.47 7.00 -6.47
CA LEU A 27 -1.06 8.15 -7.19
C LEU A 27 -2.13 8.82 -6.32
N LEU A 28 -3.37 8.31 -6.41
CA LEU A 28 -4.47 8.85 -5.63
C LEU A 28 -4.83 7.91 -4.48
N GLY A 29 -3.89 7.74 -3.55
CA GLY A 29 -4.12 6.87 -2.41
C GLY A 29 -5.08 7.44 -1.40
N GLU A 30 -5.63 6.57 -0.55
CA GLU A 30 -6.58 7.00 0.48
C GLU A 30 -5.89 7.80 1.57
N GLU A 31 -6.53 8.88 2.02
CA GLU A 31 -5.97 9.73 3.07
C GLU A 31 -6.53 9.32 4.44
N ARG A 32 -6.06 8.19 4.95
CA ARG A 32 -6.51 7.68 6.24
C ARG A 32 -5.43 7.89 7.31
N ARG A 33 -5.86 8.31 8.50
CA ARG A 33 -4.94 8.54 9.62
C ARG A 33 -4.46 7.23 10.22
N TYR A 1 2.11 -9.80 7.34
CA TYR A 1 1.81 -8.39 7.73
C TYR A 1 3.09 -7.59 8.00
N LYS A 2 4.11 -7.80 7.17
CA LYS A 2 5.38 -7.09 7.33
C LYS A 2 5.84 -6.47 6.01
N PHE A 3 4.89 -5.88 5.27
CA PHE A 3 5.21 -5.24 3.99
C PHE A 3 4.57 -3.84 3.93
N ALA A 4 5.43 -2.83 3.78
CA ALA A 4 4.97 -1.44 3.70
C ALA A 4 5.27 -0.83 2.33
N CYS A 5 4.29 -0.12 1.78
CA CYS A 5 4.45 0.53 0.48
C CYS A 5 5.58 1.55 0.50
N PRO A 6 6.18 1.82 -0.67
CA PRO A 6 7.26 2.81 -0.79
C PRO A 6 6.78 4.23 -0.44
N GLU A 7 5.46 4.43 -0.49
CA GLU A 7 4.87 5.73 -0.18
C GLU A 7 4.34 5.78 1.25
N CYS A 8 3.46 4.83 1.61
CA CYS A 8 2.89 4.80 2.95
C CYS A 8 3.47 3.69 3.82
N PRO A 9 3.30 3.86 5.14
CA PRO A 9 3.79 2.93 6.15
C PRO A 9 2.79 1.81 6.47
N LYS A 10 1.69 1.74 5.70
CA LYS A 10 0.65 0.73 5.91
C LYS A 10 1.19 -0.69 5.79
N ARG A 11 0.83 -1.52 6.76
CA ARG A 11 1.25 -2.92 6.77
C ARG A 11 0.08 -3.81 6.31
N PHE A 12 0.28 -4.52 5.21
CA PHE A 12 -0.76 -5.39 4.65
C PHE A 12 -0.57 -6.83 5.13
N MET A 13 0.00 -7.68 4.29
CA MET A 13 0.23 -9.09 4.64
C MET A 13 1.30 -9.70 3.73
N ARG A 14 1.15 -9.50 2.42
CA ARG A 14 2.10 -10.01 1.45
C ARG A 14 2.57 -8.89 0.51
N SER A 15 3.60 -9.17 -0.29
CA SER A 15 4.14 -8.19 -1.23
C SER A 15 3.10 -7.78 -2.26
N ASP A 16 2.34 -8.75 -2.78
CA ASP A 16 1.31 -8.48 -3.78
C ASP A 16 0.17 -7.64 -3.20
N HIS A 17 -0.12 -7.83 -1.90
CA HIS A 17 -1.17 -7.06 -1.23
C HIS A 17 -0.95 -5.56 -1.42
N LEU A 18 0.32 -5.17 -1.45
CA LEU A 18 0.69 -3.76 -1.65
C LEU A 18 0.84 -3.48 -3.13
N SER A 19 1.57 -4.34 -3.82
CA SER A 19 1.82 -4.19 -5.26
C SER A 19 0.57 -3.74 -6.01
N LYS A 20 -0.59 -4.26 -5.63
CA LYS A 20 -1.85 -3.88 -6.26
C LYS A 20 -2.39 -2.57 -5.67
N HIS A 21 -2.10 -2.33 -4.39
CA HIS A 21 -2.55 -1.12 -3.70
C HIS A 21 -1.64 0.08 -4.02
N ILE A 22 -0.35 -0.16 -4.23
CA ILE A 22 0.60 0.92 -4.52
C ILE A 22 0.29 1.61 -5.84
N THR A 23 0.05 0.85 -6.88
CA THR A 23 -0.25 1.41 -8.20
C THR A 23 -1.34 2.49 -8.14
N LEU A 24 -2.26 2.36 -7.19
CA LEU A 24 -3.34 3.33 -7.01
C LEU A 24 -3.03 4.28 -5.85
N HIS A 25 -2.53 3.72 -4.74
CA HIS A 25 -2.20 4.51 -3.56
C HIS A 25 -1.05 5.46 -3.87
N GLU A 26 -0.18 5.08 -4.83
CA GLU A 26 0.92 5.94 -5.22
C GLU A 26 0.36 7.23 -5.82
N LEU A 27 -0.90 7.17 -6.30
CA LEU A 27 -1.56 8.34 -6.88
C LEU A 27 -2.50 8.99 -5.88
N LEU A 28 -3.64 8.33 -5.61
CA LEU A 28 -4.62 8.83 -4.67
C LEU A 28 -4.57 8.06 -3.35
N GLY A 29 -4.52 8.79 -2.24
CA GLY A 29 -4.47 8.16 -0.93
C GLY A 29 -5.85 7.76 -0.42
N GLU A 30 -5.90 6.68 0.35
CA GLU A 30 -7.16 6.20 0.92
C GLU A 30 -7.55 6.99 2.16
N GLU A 31 -8.77 7.54 2.16
CA GLU A 31 -9.26 8.32 3.29
C GLU A 31 -9.68 7.41 4.44
N ARG A 32 -8.78 7.24 5.40
CA ARG A 32 -9.04 6.40 6.57
C ARG A 32 -9.88 7.15 7.61
N ARG A 33 -10.37 6.40 8.61
CA ARG A 33 -11.19 6.99 9.67
C ARG A 33 -10.50 6.88 11.03
N TYR A 1 2.41 -9.86 8.62
CA TYR A 1 2.40 -8.38 8.53
C TYR A 1 3.80 -7.80 8.69
N LYS A 2 4.48 -7.56 7.57
CA LYS A 2 5.84 -7.01 7.59
C LYS A 2 6.22 -6.43 6.23
N PHE A 3 5.34 -5.62 5.64
CA PHE A 3 5.60 -5.00 4.35
C PHE A 3 4.81 -3.71 4.18
N ALA A 4 5.51 -2.60 3.96
CA ALA A 4 4.88 -1.31 3.79
C ALA A 4 5.22 -0.71 2.43
N CYS A 5 4.26 -0.02 1.82
CA CYS A 5 4.46 0.60 0.51
C CYS A 5 5.56 1.65 0.56
N PRO A 6 6.19 1.93 -0.60
CA PRO A 6 7.27 2.92 -0.69
C PRO A 6 6.79 4.34 -0.35
N GLU A 7 5.47 4.55 -0.31
CA GLU A 7 4.90 5.86 0.00
C GLU A 7 4.29 5.89 1.40
N CYS A 8 3.44 4.91 1.72
CA CYS A 8 2.78 4.86 3.02
C CYS A 8 3.38 3.81 3.94
N PRO A 9 3.11 3.97 5.24
CA PRO A 9 3.57 3.06 6.30
C PRO A 9 2.64 1.87 6.52
N LYS A 10 1.54 1.80 5.75
CA LYS A 10 0.58 0.71 5.88
C LYS A 10 1.24 -0.66 5.76
N ARG A 11 1.03 -1.49 6.78
CA ARG A 11 1.58 -2.84 6.79
C ARG A 11 0.55 -3.85 6.27
N PHE A 12 0.87 -4.50 5.15
CA PHE A 12 -0.02 -5.47 4.55
C PHE A 12 0.37 -6.89 4.96
N MET A 13 -0.27 -7.90 4.37
CA MET A 13 0.01 -9.29 4.68
C MET A 13 0.98 -9.92 3.68
N ARG A 14 0.86 -9.54 2.40
CA ARG A 14 1.72 -10.08 1.36
C ARG A 14 2.20 -8.99 0.41
N SER A 15 3.29 -9.27 -0.32
CA SER A 15 3.85 -8.32 -1.26
C SER A 15 2.82 -7.89 -2.32
N ASP A 16 2.06 -8.87 -2.83
CA ASP A 16 1.03 -8.60 -3.83
C ASP A 16 -0.06 -7.67 -3.27
N HIS A 17 -0.35 -7.80 -1.97
CA HIS A 17 -1.36 -6.95 -1.33
C HIS A 17 -1.02 -5.48 -1.52
N LEU A 18 0.28 -5.17 -1.61
CA LEU A 18 0.75 -3.81 -1.81
C LEU A 18 0.87 -3.53 -3.30
N SER A 19 1.59 -4.41 -4.00
CA SER A 19 1.80 -4.26 -5.45
C SER A 19 0.53 -3.78 -6.16
N LYS A 20 -0.63 -4.29 -5.75
CA LYS A 20 -1.90 -3.88 -6.35
C LYS A 20 -2.39 -2.57 -5.73
N HIS A 21 -2.10 -2.38 -4.45
CA HIS A 21 -2.50 -1.16 -3.73
C HIS A 21 -1.59 0.02 -4.06
N ILE A 22 -0.30 -0.23 -4.28
CA ILE A 22 0.66 0.84 -4.57
C ILE A 22 0.35 1.54 -5.90
N THR A 23 0.09 0.77 -6.94
CA THR A 23 -0.21 1.35 -8.25
C THR A 23 -1.32 2.41 -8.17
N LEU A 24 -2.21 2.27 -7.19
CA LEU A 24 -3.30 3.24 -7.00
C LEU A 24 -2.98 4.19 -5.85
N HIS A 25 -2.46 3.64 -4.75
CA HIS A 25 -2.11 4.45 -3.58
C HIS A 25 -0.96 5.39 -3.91
N GLU A 26 -0.12 4.98 -4.87
CA GLU A 26 0.99 5.83 -5.31
C GLU A 26 0.43 7.05 -6.06
N LEU A 27 -0.79 6.90 -6.59
CA LEU A 27 -1.44 7.99 -7.32
C LEU A 27 -2.56 8.63 -6.50
N LEU A 28 -3.71 7.94 -6.42
CA LEU A 28 -4.85 8.43 -5.67
C LEU A 28 -4.75 8.03 -4.20
N GLY A 29 -5.14 8.95 -3.30
CA GLY A 29 -5.09 8.68 -1.88
C GLY A 29 -6.46 8.49 -1.27
N GLU A 30 -6.82 7.24 -0.98
CA GLU A 30 -8.13 6.93 -0.38
C GLU A 30 -8.04 6.89 1.15
N GLU A 31 -9.15 7.23 1.81
CA GLU A 31 -9.20 7.22 3.26
C GLU A 31 -9.70 5.87 3.78
N ARG A 32 -8.82 4.86 3.73
CA ARG A 32 -9.17 3.52 4.18
C ARG A 32 -8.53 3.21 5.54
N ARG A 33 -9.25 2.46 6.38
CA ARG A 33 -8.74 2.10 7.70
C ARG A 33 -8.51 0.59 7.80
N TYR A 1 0.75 -9.29 8.42
CA TYR A 1 1.17 -7.89 8.11
C TYR A 1 2.67 -7.70 8.32
N LYS A 2 3.42 -7.68 7.21
CA LYS A 2 4.87 -7.51 7.26
C LYS A 2 5.41 -6.90 5.96
N PHE A 3 4.62 -6.02 5.35
CA PHE A 3 5.03 -5.36 4.10
C PHE A 3 4.39 -3.98 3.98
N ALA A 4 5.23 -2.96 3.88
CA ALA A 4 4.75 -1.58 3.76
C ALA A 4 5.13 -0.99 2.41
N CYS A 5 4.19 -0.29 1.79
CA CYS A 5 4.41 0.34 0.48
C CYS A 5 5.56 1.35 0.55
N PRO A 6 6.26 1.57 -0.59
CA PRO A 6 7.35 2.53 -0.65
C PRO A 6 6.88 3.97 -0.41
N GLU A 7 5.56 4.18 -0.50
CA GLU A 7 4.96 5.48 -0.30
C GLU A 7 4.39 5.62 1.12
N CYS A 8 3.51 4.68 1.51
CA CYS A 8 2.89 4.73 2.84
C CYS A 8 3.47 3.69 3.79
N PRO A 9 3.26 3.93 5.08
CA PRO A 9 3.72 3.07 6.17
C PRO A 9 2.74 1.95 6.51
N LYS A 10 1.66 1.82 5.73
CA LYS A 10 0.64 0.80 5.97
C LYS A 10 1.16 -0.60 5.69
N ARG A 11 1.00 -1.48 6.67
CA ARG A 11 1.44 -2.87 6.54
C ARG A 11 0.23 -3.76 6.23
N PHE A 12 0.29 -4.44 5.08
CA PHE A 12 -0.80 -5.30 4.63
C PHE A 12 -0.61 -6.73 5.15
N MET A 13 0.04 -7.57 4.34
CA MET A 13 0.31 -8.96 4.70
C MET A 13 1.43 -9.55 3.84
N ARG A 14 1.28 -9.42 2.52
CA ARG A 14 2.27 -9.91 1.57
C ARG A 14 2.77 -8.79 0.66
N SER A 15 3.67 -9.12 -0.25
CA SER A 15 4.23 -8.13 -1.18
C SER A 15 3.19 -7.73 -2.23
N ASP A 16 2.49 -8.71 -2.78
CA ASP A 16 1.47 -8.46 -3.80
C ASP A 16 0.29 -7.65 -3.23
N HIS A 17 0.00 -7.86 -1.95
CA HIS A 17 -1.09 -7.14 -1.27
C HIS A 17 -0.95 -5.63 -1.46
N LEU A 18 0.30 -5.16 -1.50
CA LEU A 18 0.59 -3.75 -1.69
C LEU A 18 0.80 -3.44 -3.17
N SER A 19 1.56 -4.32 -3.84
CA SER A 19 1.86 -4.15 -5.27
C SER A 19 0.63 -3.67 -6.06
N LYS A 20 -0.55 -4.16 -5.69
CA LYS A 20 -1.79 -3.76 -6.36
C LYS A 20 -2.33 -2.45 -5.77
N HIS A 21 -2.09 -2.25 -4.47
CA HIS A 21 -2.55 -1.05 -3.77
C HIS A 21 -1.62 0.15 -4.03
N ILE A 22 -0.34 -0.10 -4.31
CA ILE A 22 0.62 0.98 -4.57
C ILE A 22 0.28 1.72 -5.86
N THR A 23 0.01 0.98 -6.92
CA THR A 23 -0.31 1.58 -8.21
C THR A 23 -1.52 2.53 -8.12
N LEU A 24 -2.35 2.37 -7.09
CA LEU A 24 -3.52 3.24 -6.89
C LEU A 24 -3.27 4.23 -5.76
N HIS A 25 -2.64 3.75 -4.68
CA HIS A 25 -2.35 4.58 -3.51
C HIS A 25 -1.18 5.52 -3.78
N GLU A 26 -0.23 5.10 -4.60
CA GLU A 26 0.90 5.95 -4.93
C GLU A 26 0.51 6.92 -6.04
N LEU A 27 -0.65 6.68 -6.67
CA LEU A 27 -1.15 7.55 -7.73
C LEU A 27 -2.17 8.54 -7.17
N LEU A 28 -3.29 8.00 -6.66
CA LEU A 28 -4.34 8.82 -6.08
C LEU A 28 -4.31 8.74 -4.56
N GLY A 29 -4.69 9.83 -3.90
CA GLY A 29 -4.70 9.87 -2.44
C GLY A 29 -6.00 9.33 -1.86
N GLU A 30 -6.23 8.03 -2.01
CA GLU A 30 -7.45 7.40 -1.50
C GLU A 30 -7.33 5.88 -1.50
N GLU A 31 -7.02 5.31 -0.33
CA GLU A 31 -6.89 3.85 -0.20
C GLU A 31 -8.10 3.26 0.52
N ARG A 32 -8.33 3.71 1.76
CA ARG A 32 -9.46 3.22 2.56
C ARG A 32 -10.57 4.27 2.64
N ARG A 33 -11.73 3.87 3.15
CA ARG A 33 -12.87 4.78 3.28
C ARG A 33 -13.11 5.15 4.75
N TYR A 1 2.36 -9.13 9.59
CA TYR A 1 2.44 -7.95 8.67
C TYR A 1 3.85 -7.38 8.63
N LYS A 2 4.57 -7.67 7.56
CA LYS A 2 5.94 -7.19 7.39
C LYS A 2 6.21 -6.71 5.96
N PHE A 3 5.28 -5.93 5.42
CA PHE A 3 5.42 -5.41 4.06
C PHE A 3 4.65 -4.09 3.91
N ALA A 4 5.40 -2.99 3.84
CA ALA A 4 4.80 -1.67 3.71
C ALA A 4 5.18 -1.02 2.37
N CYS A 5 4.26 -0.22 1.83
CA CYS A 5 4.49 0.45 0.55
C CYS A 5 5.61 1.49 0.66
N PRO A 6 6.29 1.77 -0.47
CA PRO A 6 7.38 2.76 -0.49
C PRO A 6 6.88 4.18 -0.27
N GLU A 7 5.55 4.38 -0.38
CA GLU A 7 4.94 5.69 -0.19
C GLU A 7 4.31 5.82 1.20
N CYS A 8 3.44 4.86 1.56
CA CYS A 8 2.76 4.90 2.86
C CYS A 8 3.34 3.89 3.84
N PRO A 9 3.02 4.12 5.12
CA PRO A 9 3.46 3.28 6.23
C PRO A 9 2.55 2.06 6.48
N LYS A 10 1.48 1.94 5.68
CA LYS A 10 0.53 0.84 5.83
C LYS A 10 1.23 -0.52 5.73
N ARG A 11 0.99 -1.36 6.73
CA ARG A 11 1.57 -2.70 6.77
C ARG A 11 0.56 -3.74 6.29
N PHE A 12 0.90 -4.42 5.21
CA PHE A 12 0.01 -5.45 4.63
C PHE A 12 0.45 -6.84 5.08
N MET A 13 -0.25 -7.86 4.56
CA MET A 13 0.06 -9.25 4.90
C MET A 13 1.02 -9.87 3.89
N ARG A 14 0.87 -9.51 2.62
CA ARG A 14 1.73 -10.05 1.55
C ARG A 14 2.31 -8.92 0.69
N SER A 15 3.29 -9.27 -0.16
CA SER A 15 3.92 -8.30 -1.04
C SER A 15 2.97 -7.85 -2.14
N ASP A 16 2.28 -8.81 -2.76
CA ASP A 16 1.32 -8.52 -3.82
C ASP A 16 0.17 -7.64 -3.31
N HIS A 17 -0.16 -7.80 -2.02
CA HIS A 17 -1.23 -7.01 -1.40
C HIS A 17 -0.97 -5.52 -1.61
N LEU A 18 0.30 -5.15 -1.70
CA LEU A 18 0.70 -3.76 -1.92
C LEU A 18 0.83 -3.48 -3.40
N SER A 19 1.58 -4.34 -4.09
CA SER A 19 1.81 -4.18 -5.54
C SER A 19 0.56 -3.67 -6.26
N LYS A 20 -0.61 -4.20 -5.91
CA LYS A 20 -1.86 -3.77 -6.52
C LYS A 20 -2.38 -2.48 -5.87
N HIS A 21 -2.10 -2.32 -4.58
CA HIS A 21 -2.53 -1.14 -3.83
C HIS A 21 -1.60 0.06 -4.08
N ILE A 22 -0.30 -0.18 -4.29
CA ILE A 22 0.65 0.91 -4.52
C ILE A 22 0.35 1.67 -5.81
N THR A 23 0.12 0.95 -6.89
CA THR A 23 -0.17 1.59 -8.17
C THR A 23 -1.35 2.57 -8.07
N LEU A 24 -2.26 2.33 -7.10
CA LEU A 24 -3.42 3.20 -6.89
C LEU A 24 -3.19 4.15 -5.72
N HIS A 25 -2.62 3.63 -4.63
CA HIS A 25 -2.33 4.43 -3.45
C HIS A 25 -1.24 5.45 -3.75
N GLU A 26 -0.32 5.10 -4.65
CA GLU A 26 0.75 6.00 -5.04
C GLU A 26 0.29 6.90 -6.18
N LEU A 27 -0.74 6.45 -6.93
CA LEU A 27 -1.28 7.23 -8.04
C LEU A 27 -2.17 8.35 -7.54
N LEU A 28 -3.24 7.98 -6.82
CA LEU A 28 -4.18 8.94 -6.28
C LEU A 28 -3.99 9.11 -4.77
N GLY A 29 -3.59 10.30 -4.35
CA GLY A 29 -3.37 10.57 -2.93
C GLY A 29 -4.61 11.13 -2.25
N GLU A 30 -5.57 10.26 -1.96
CA GLU A 30 -6.81 10.68 -1.32
C GLU A 30 -6.67 10.66 0.21
N GLU A 31 -6.49 11.85 0.79
CA GLU A 31 -6.34 11.99 2.24
C GLU A 31 -7.61 12.55 2.87
N ARG A 32 -7.65 12.60 4.20
CA ARG A 32 -8.81 13.12 4.93
C ARG A 32 -8.80 14.65 4.94
N ARG A 33 -9.25 15.26 3.84
CA ARG A 33 -9.30 16.72 3.71
C ARG A 33 -7.90 17.33 3.75
N TYR A 1 1.57 -8.86 9.61
CA TYR A 1 2.02 -7.87 8.60
C TYR A 1 3.55 -7.85 8.48
N LYS A 2 4.04 -7.86 7.24
CA LYS A 2 5.48 -7.85 6.99
C LYS A 2 5.82 -7.25 5.61
N PHE A 3 5.09 -6.22 5.21
CA PHE A 3 5.32 -5.56 3.93
C PHE A 3 4.58 -4.23 3.85
N ALA A 4 5.34 -3.14 3.81
CA ALA A 4 4.77 -1.80 3.74
C ALA A 4 5.14 -1.10 2.44
N CYS A 5 4.20 -0.33 1.89
CA CYS A 5 4.41 0.39 0.64
C CYS A 5 5.54 1.41 0.77
N PRO A 6 6.24 1.71 -0.35
CA PRO A 6 7.34 2.68 -0.35
C PRO A 6 6.84 4.12 -0.17
N GLU A 7 5.53 4.33 -0.34
CA GLU A 7 4.94 5.65 -0.20
C GLU A 7 4.26 5.82 1.16
N CYS A 8 3.42 4.86 1.54
CA CYS A 8 2.70 4.93 2.82
C CYS A 8 3.28 3.99 3.87
N PRO A 9 2.92 4.26 5.13
CA PRO A 9 3.35 3.48 6.29
C PRO A 9 2.49 2.23 6.53
N LYS A 10 1.40 2.08 5.75
CA LYS A 10 0.50 0.94 5.89
C LYS A 10 1.23 -0.39 5.74
N ARG A 11 0.99 -1.29 6.68
CA ARG A 11 1.61 -2.61 6.66
C ARG A 11 0.61 -3.66 6.21
N PHE A 12 0.93 -4.36 5.14
CA PHE A 12 0.07 -5.41 4.60
C PHE A 12 0.59 -6.78 5.01
N MET A 13 -0.03 -7.85 4.48
CA MET A 13 0.38 -9.21 4.81
C MET A 13 1.31 -9.81 3.74
N ARG A 14 1.05 -9.49 2.47
CA ARG A 14 1.86 -10.01 1.38
C ARG A 14 2.30 -8.90 0.43
N SER A 15 3.43 -9.12 -0.26
CA SER A 15 3.97 -8.15 -1.21
C SER A 15 2.95 -7.79 -2.28
N ASP A 16 2.17 -8.79 -2.71
CA ASP A 16 1.14 -8.58 -3.73
C ASP A 16 0.02 -7.68 -3.21
N HIS A 17 -0.29 -7.81 -1.91
CA HIS A 17 -1.33 -6.99 -1.29
C HIS A 17 -1.05 -5.50 -1.49
N LEU A 18 0.24 -5.16 -1.61
CA LEU A 18 0.66 -3.79 -1.83
C LEU A 18 0.81 -3.51 -3.31
N SER A 19 1.56 -4.36 -4.00
CA SER A 19 1.79 -4.21 -5.44
C SER A 19 0.55 -3.72 -6.18
N LYS A 20 -0.62 -4.24 -5.81
CA LYS A 20 -1.87 -3.84 -6.43
C LYS A 20 -2.39 -2.53 -5.81
N HIS A 21 -2.12 -2.34 -4.51
CA HIS A 21 -2.55 -1.15 -3.79
C HIS A 21 -1.62 0.05 -4.06
N ILE A 22 -0.33 -0.20 -4.25
CA ILE A 22 0.64 0.88 -4.50
C ILE A 22 0.36 1.62 -5.79
N THR A 23 0.13 0.88 -6.87
CA THR A 23 -0.14 1.48 -8.18
C THR A 23 -1.28 2.51 -8.11
N LEU A 24 -2.18 2.35 -7.15
CA LEU A 24 -3.30 3.28 -6.98
C LEU A 24 -3.04 4.22 -5.80
N HIS A 25 -2.53 3.66 -4.69
CA HIS A 25 -2.23 4.45 -3.51
C HIS A 25 -1.10 5.44 -3.80
N GLU A 26 -0.21 5.08 -4.72
CA GLU A 26 0.87 5.97 -5.10
C GLU A 26 0.29 7.20 -5.81
N LEU A 27 -0.93 7.05 -6.36
CA LEU A 27 -1.59 8.15 -7.05
C LEU A 27 -2.37 9.01 -6.05
N LEU A 28 -3.52 8.51 -5.61
CA LEU A 28 -4.36 9.23 -4.65
C LEU A 28 -4.27 8.58 -3.27
N GLY A 29 -4.32 9.42 -2.22
CA GLY A 29 -4.24 8.91 -0.86
C GLY A 29 -5.53 9.14 -0.09
N GLU A 30 -6.59 8.45 -0.48
CA GLU A 30 -7.89 8.57 0.18
C GLU A 30 -8.35 7.24 0.76
N GLU A 31 -7.69 6.81 1.85
CA GLU A 31 -8.02 5.56 2.50
C GLU A 31 -8.78 5.80 3.80
N ARG A 32 -9.04 4.73 4.56
CA ARG A 32 -9.75 4.83 5.84
C ARG A 32 -8.96 5.68 6.84
N ARG A 33 -9.63 6.67 7.42
CA ARG A 33 -9.00 7.55 8.41
C ARG A 33 -8.76 6.83 9.73
N TYR A 1 2.19 -10.03 8.78
CA TYR A 1 2.19 -8.64 8.23
C TYR A 1 3.58 -8.00 8.36
N LYS A 2 4.32 -7.99 7.26
CA LYS A 2 5.66 -7.42 7.24
C LYS A 2 6.02 -6.87 5.85
N PHE A 3 5.17 -5.99 5.33
CA PHE A 3 5.38 -5.37 4.03
C PHE A 3 4.66 -4.04 3.93
N ALA A 4 5.42 -2.96 3.75
CA ALA A 4 4.85 -1.63 3.64
C ALA A 4 5.20 -0.97 2.31
N CYS A 5 4.26 -0.20 1.77
CA CYS A 5 4.46 0.47 0.49
C CYS A 5 5.58 1.51 0.57
N PRO A 6 6.19 1.86 -0.57
CA PRO A 6 7.27 2.85 -0.62
C PRO A 6 6.77 4.27 -0.32
N GLU A 7 5.46 4.48 -0.41
CA GLU A 7 4.88 5.79 -0.14
C GLU A 7 4.24 5.86 1.25
N CYS A 8 3.41 4.87 1.59
CA CYS A 8 2.76 4.85 2.91
C CYS A 8 3.37 3.83 3.85
N PRO A 9 3.09 4.01 5.14
CA PRO A 9 3.57 3.14 6.21
C PRO A 9 2.65 1.94 6.46
N LYS A 10 1.53 1.87 5.73
CA LYS A 10 0.57 0.77 5.87
C LYS A 10 1.25 -0.59 5.76
N ARG A 11 0.97 -1.45 6.75
CA ARG A 11 1.55 -2.80 6.77
C ARG A 11 0.52 -3.81 6.27
N PHE A 12 0.83 -4.47 5.16
CA PHE A 12 -0.06 -5.46 4.57
C PHE A 12 0.37 -6.87 4.98
N MET A 13 -0.32 -7.88 4.46
CA MET A 13 -0.02 -9.28 4.78
C MET A 13 1.02 -9.85 3.81
N ARG A 14 0.91 -9.49 2.52
CA ARG A 14 1.84 -9.99 1.50
C ARG A 14 2.27 -8.87 0.56
N SER A 15 3.41 -9.06 -0.09
CA SER A 15 3.96 -8.08 -1.03
C SER A 15 2.94 -7.74 -2.12
N ASP A 16 2.24 -8.76 -2.62
CA ASP A 16 1.23 -8.57 -3.67
C ASP A 16 0.10 -7.68 -3.18
N HIS A 17 -0.25 -7.79 -1.89
CA HIS A 17 -1.31 -6.98 -1.29
C HIS A 17 -1.03 -5.49 -1.50
N LEU A 18 0.26 -5.15 -1.59
CA LEU A 18 0.68 -3.76 -1.81
C LEU A 18 0.85 -3.49 -3.28
N SER A 19 1.61 -4.36 -3.96
CA SER A 19 1.87 -4.21 -5.40
C SER A 19 0.64 -3.72 -6.16
N LYS A 20 -0.54 -4.23 -5.81
CA LYS A 20 -1.78 -3.82 -6.46
C LYS A 20 -2.31 -2.52 -5.84
N HIS A 21 -2.06 -2.34 -4.54
CA HIS A 21 -2.50 -1.15 -3.82
C HIS A 21 -1.59 0.05 -4.09
N ILE A 22 -0.29 -0.19 -4.31
CA ILE A 22 0.65 0.90 -4.56
C ILE A 22 0.35 1.64 -5.86
N THR A 23 0.11 0.91 -6.92
CA THR A 23 -0.20 1.52 -8.22
C THR A 23 -1.34 2.55 -8.12
N LEU A 24 -2.23 2.35 -7.15
CA LEU A 24 -3.36 3.26 -6.95
C LEU A 24 -3.09 4.20 -5.77
N HIS A 25 -2.55 3.65 -4.68
CA HIS A 25 -2.26 4.44 -3.48
C HIS A 25 -1.11 5.40 -3.76
N GLU A 26 -0.19 5.01 -4.66
CA GLU A 26 0.91 5.88 -5.02
C GLU A 26 0.40 7.06 -5.85
N LEU A 27 -0.76 6.85 -6.48
CA LEU A 27 -1.38 7.90 -7.31
C LEU A 27 -2.49 8.62 -6.54
N LEU A 28 -3.61 7.93 -6.35
CA LEU A 28 -4.76 8.49 -5.63
C LEU A 28 -4.88 7.89 -4.24
N GLY A 29 -6.00 8.17 -3.56
CA GLY A 29 -6.21 7.64 -2.22
C GLY A 29 -7.65 7.19 -2.00
N GLU A 30 -7.96 5.96 -2.41
CA GLU A 30 -9.31 5.42 -2.25
C GLU A 30 -9.28 3.96 -1.79
N GLU A 31 -8.52 3.70 -0.72
CA GLU A 31 -8.40 2.35 -0.18
C GLU A 31 -9.19 2.20 1.12
N ARG A 32 -9.86 1.07 1.27
CA ARG A 32 -10.67 0.79 2.46
C ARG A 32 -9.89 -0.07 3.45
N ARG A 33 -10.00 0.26 4.73
CA ARG A 33 -9.30 -0.48 5.78
C ARG A 33 -10.05 -0.37 7.12
N TYR A 1 1.68 -9.53 8.03
CA TYR A 1 1.67 -8.08 8.37
C TYR A 1 3.09 -7.56 8.60
N LYS A 2 3.88 -7.51 7.52
CA LYS A 2 5.26 -7.04 7.61
C LYS A 2 5.74 -6.49 6.27
N PHE A 3 4.85 -5.81 5.53
CA PHE A 3 5.19 -5.22 4.24
C PHE A 3 4.48 -3.89 4.06
N ALA A 4 5.26 -2.82 3.93
CA ALA A 4 4.72 -1.48 3.76
C ALA A 4 5.10 -0.91 2.39
N CYS A 5 4.17 -0.17 1.79
CA CYS A 5 4.39 0.45 0.48
C CYS A 5 5.54 1.46 0.53
N PRO A 6 6.19 1.71 -0.62
CA PRO A 6 7.30 2.67 -0.71
C PRO A 6 6.85 4.09 -0.34
N GLU A 7 5.55 4.36 -0.46
CA GLU A 7 4.99 5.67 -0.14
C GLU A 7 4.42 5.71 1.29
N CYS A 8 3.50 4.80 1.61
CA CYS A 8 2.90 4.78 2.95
C CYS A 8 3.47 3.69 3.84
N PRO A 9 3.28 3.88 5.15
CA PRO A 9 3.75 2.96 6.18
C PRO A 9 2.76 1.83 6.49
N LYS A 10 1.64 1.79 5.76
CA LYS A 10 0.61 0.77 5.96
C LYS A 10 1.15 -0.63 5.74
N ARG A 11 1.02 -1.48 6.77
CA ARG A 11 1.47 -2.87 6.69
C ARG A 11 0.30 -3.77 6.30
N PHE A 12 0.43 -4.43 5.15
CA PHE A 12 -0.61 -5.31 4.65
C PHE A 12 -0.40 -6.75 5.15
N MET A 13 0.14 -7.62 4.28
CA MET A 13 0.40 -9.01 4.63
C MET A 13 1.42 -9.62 3.67
N ARG A 14 1.16 -9.45 2.37
CA ARG A 14 2.05 -9.97 1.33
C ARG A 14 2.47 -8.86 0.38
N SER A 15 3.60 -9.06 -0.30
CA SER A 15 4.11 -8.06 -1.24
C SER A 15 3.06 -7.72 -2.31
N ASP A 16 2.33 -8.73 -2.77
CA ASP A 16 1.28 -8.53 -3.79
C ASP A 16 0.13 -7.69 -3.24
N HIS A 17 -0.17 -7.85 -1.94
CA HIS A 17 -1.25 -7.09 -1.30
C HIS A 17 -1.02 -5.58 -1.49
N LEU A 18 0.26 -5.18 -1.50
CA LEU A 18 0.63 -3.78 -1.69
C LEU A 18 0.82 -3.49 -3.17
N SER A 19 1.56 -4.37 -3.84
CA SER A 19 1.84 -4.21 -5.27
C SER A 19 0.61 -3.72 -6.05
N LYS A 20 -0.56 -4.22 -5.67
CA LYS A 20 -1.81 -3.82 -6.32
C LYS A 20 -2.32 -2.50 -5.74
N HIS A 21 -2.08 -2.30 -4.43
CA HIS A 21 -2.51 -1.08 -3.75
C HIS A 21 -1.58 0.10 -4.05
N ILE A 22 -0.30 -0.16 -4.29
CA ILE A 22 0.66 0.92 -4.57
C ILE A 22 0.33 1.63 -5.88
N THR A 23 0.05 0.87 -6.92
CA THR A 23 -0.27 1.45 -8.23
C THR A 23 -1.44 2.42 -8.16
N LEU A 24 -2.29 2.30 -7.13
CA LEU A 24 -3.44 3.19 -6.95
C LEU A 24 -3.17 4.17 -5.82
N HIS A 25 -2.58 3.69 -4.72
CA HIS A 25 -2.27 4.52 -3.56
C HIS A 25 -1.11 5.46 -3.86
N GLU A 26 -0.19 5.02 -4.72
CA GLU A 26 0.94 5.85 -5.11
C GLU A 26 0.48 6.92 -6.09
N LEU A 27 -0.69 6.70 -6.70
CA LEU A 27 -1.24 7.65 -7.67
C LEU A 27 -2.28 8.57 -7.01
N LEU A 28 -3.38 7.98 -6.54
CA LEU A 28 -4.45 8.74 -5.90
C LEU A 28 -4.43 8.54 -4.38
N GLY A 29 -4.68 7.30 -3.94
CA GLY A 29 -4.69 7.00 -2.51
C GLY A 29 -6.08 6.64 -2.01
N GLU A 30 -6.32 5.34 -1.80
CA GLU A 30 -7.61 4.86 -1.32
C GLU A 30 -7.44 3.60 -0.46
N GLU A 31 -7.83 3.70 0.81
CA GLU A 31 -7.73 2.58 1.73
C GLU A 31 -9.10 1.94 1.99
N ARG A 32 -10.06 2.76 2.43
CA ARG A 32 -11.41 2.28 2.71
C ARG A 32 -12.33 2.44 1.50
N ARG A 33 -13.48 1.78 1.54
CA ARG A 33 -14.46 1.84 0.46
C ARG A 33 -15.15 3.21 0.42
N TYR A 1 2.64 -9.93 8.81
CA TYR A 1 2.44 -8.52 8.39
C TYR A 1 3.72 -7.69 8.58
N LYS A 2 4.57 -7.68 7.54
CA LYS A 2 5.82 -6.94 7.59
C LYS A 2 6.22 -6.43 6.20
N PHE A 3 5.26 -5.82 5.50
CA PHE A 3 5.50 -5.28 4.16
C PHE A 3 4.72 -3.98 3.97
N ALA A 4 5.44 -2.86 3.97
CA ALA A 4 4.81 -1.55 3.79
C ALA A 4 5.14 -0.95 2.42
N CYS A 5 4.21 -0.15 1.89
CA CYS A 5 4.39 0.49 0.59
C CYS A 5 5.55 1.48 0.62
N PRO A 6 6.18 1.72 -0.55
CA PRO A 6 7.30 2.66 -0.66
C PRO A 6 6.89 4.10 -0.31
N GLU A 7 5.59 4.39 -0.42
CA GLU A 7 5.06 5.72 -0.13
C GLU A 7 4.44 5.79 1.28
N CYS A 8 3.48 4.90 1.57
CA CYS A 8 2.82 4.91 2.87
C CYS A 8 3.37 3.85 3.82
N PRO A 9 3.08 4.03 5.11
CA PRO A 9 3.50 3.13 6.18
C PRO A 9 2.55 1.94 6.39
N LYS A 10 1.46 1.88 5.60
CA LYS A 10 0.48 0.81 5.72
C LYS A 10 1.15 -0.56 5.65
N ARG A 11 0.85 -1.41 6.64
CA ARG A 11 1.41 -2.75 6.70
C ARG A 11 0.41 -3.78 6.17
N PHE A 12 0.80 -4.48 5.10
CA PHE A 12 -0.05 -5.48 4.49
C PHE A 12 0.38 -6.89 4.90
N MET A 13 -0.33 -7.90 4.40
CA MET A 13 -0.01 -9.29 4.72
C MET A 13 1.07 -9.85 3.78
N ARG A 14 1.00 -9.50 2.50
CA ARG A 14 1.98 -9.97 1.52
C ARG A 14 2.43 -8.84 0.59
N SER A 15 3.53 -9.07 -0.12
CA SER A 15 4.07 -8.09 -1.06
C SER A 15 3.05 -7.74 -2.15
N ASP A 16 2.40 -8.77 -2.70
CA ASP A 16 1.39 -8.58 -3.75
C ASP A 16 0.23 -7.74 -3.25
N HIS A 17 -0.12 -7.88 -1.96
CA HIS A 17 -1.20 -7.11 -1.36
C HIS A 17 -0.97 -5.61 -1.57
N LEU A 18 0.31 -5.22 -1.62
CA LEU A 18 0.67 -3.82 -1.84
C LEU A 18 0.73 -3.52 -3.32
N SER A 19 1.46 -4.36 -4.06
CA SER A 19 1.63 -4.19 -5.50
C SER A 19 0.34 -3.68 -6.17
N LYS A 20 -0.80 -4.24 -5.78
CA LYS A 20 -2.10 -3.83 -6.34
C LYS A 20 -2.57 -2.52 -5.71
N HIS A 21 -2.22 -2.30 -4.44
CA HIS A 21 -2.60 -1.08 -3.72
C HIS A 21 -1.66 0.09 -4.02
N ILE A 22 -0.35 -0.18 -4.16
CA ILE A 22 0.62 0.89 -4.43
C ILE A 22 0.34 1.61 -5.74
N THR A 23 0.10 0.87 -6.79
CA THR A 23 -0.16 1.48 -8.10
C THR A 23 -1.21 2.59 -7.99
N LEU A 24 -2.25 2.35 -7.19
CA LEU A 24 -3.31 3.35 -6.99
C LEU A 24 -3.00 4.28 -5.82
N HIS A 25 -2.49 3.71 -4.73
CA HIS A 25 -2.17 4.48 -3.54
C HIS A 25 -1.03 5.45 -3.84
N GLU A 26 -0.15 5.07 -4.77
CA GLU A 26 0.95 5.93 -5.17
C GLU A 26 0.38 7.19 -5.84
N LEU A 27 -0.83 7.07 -6.39
CA LEU A 27 -1.48 8.20 -7.04
C LEU A 27 -2.32 8.98 -6.02
N LEU A 28 -3.51 8.45 -5.69
CA LEU A 28 -4.40 9.08 -4.73
C LEU A 28 -4.40 8.33 -3.40
N GLY A 29 -5.07 8.89 -2.40
CA GLY A 29 -5.13 8.26 -1.08
C GLY A 29 -4.47 9.08 0.01
N GLU A 30 -5.21 9.33 1.09
CA GLU A 30 -4.70 10.10 2.21
C GLU A 30 -3.97 9.20 3.22
N GLU A 31 -2.83 9.67 3.72
CA GLU A 31 -2.04 8.91 4.69
C GLU A 31 -2.45 9.26 6.12
N ARG A 32 -2.64 8.24 6.94
CA ARG A 32 -3.04 8.43 8.34
C ARG A 32 -1.87 8.87 9.21
N ARG A 33 -2.19 9.39 10.40
CA ARG A 33 -1.17 9.85 11.34
C ARG A 33 -0.29 8.70 11.83
N TYR A 1 2.93 -10.21 8.42
CA TYR A 1 2.60 -8.87 7.88
C TYR A 1 3.74 -7.87 8.08
N LYS A 2 4.79 -8.01 7.26
CA LYS A 2 5.95 -7.13 7.32
C LYS A 2 6.29 -6.58 5.94
N PHE A 3 5.31 -5.94 5.31
CA PHE A 3 5.49 -5.35 3.99
C PHE A 3 4.71 -4.03 3.88
N ALA A 4 5.46 -2.92 3.81
CA ALA A 4 4.86 -1.60 3.71
C ALA A 4 5.18 -0.95 2.36
N CYS A 5 4.22 -0.18 1.85
CA CYS A 5 4.38 0.50 0.57
C CYS A 5 5.52 1.51 0.61
N PRO A 6 6.15 1.80 -0.53
CA PRO A 6 7.25 2.77 -0.62
C PRO A 6 6.77 4.19 -0.32
N GLU A 7 5.47 4.41 -0.42
CA GLU A 7 4.87 5.71 -0.18
C GLU A 7 4.27 5.81 1.24
N CYS A 8 3.40 4.86 1.59
CA CYS A 8 2.76 4.86 2.91
C CYS A 8 3.36 3.84 3.86
N PRO A 9 3.09 4.03 5.15
CA PRO A 9 3.58 3.17 6.22
C PRO A 9 2.68 1.94 6.46
N LYS A 10 1.48 1.94 5.87
CA LYS A 10 0.53 0.83 6.02
C LYS A 10 1.21 -0.52 5.89
N ARG A 11 0.92 -1.41 6.85
CA ARG A 11 1.49 -2.75 6.86
C ARG A 11 0.48 -3.75 6.30
N PHE A 12 0.85 -4.42 5.21
CA PHE A 12 0.00 -5.41 4.57
C PHE A 12 0.40 -6.82 5.01
N MET A 13 -0.26 -7.83 4.43
CA MET A 13 0.03 -9.22 4.76
C MET A 13 1.00 -9.85 3.75
N ARG A 14 0.90 -9.44 2.49
CA ARG A 14 1.77 -9.99 1.44
C ARG A 14 2.27 -8.88 0.51
N SER A 15 3.39 -9.14 -0.18
CA SER A 15 3.96 -8.18 -1.12
C SER A 15 2.95 -7.79 -2.20
N ASP A 16 2.24 -8.78 -2.74
CA ASP A 16 1.25 -8.53 -3.79
C ASP A 16 0.11 -7.65 -3.27
N HIS A 17 -0.23 -7.80 -1.98
CA HIS A 17 -1.28 -6.99 -1.35
C HIS A 17 -1.00 -5.51 -1.55
N LEU A 18 0.30 -5.16 -1.62
CA LEU A 18 0.72 -3.78 -1.83
C LEU A 18 0.84 -3.50 -3.30
N SER A 19 1.59 -4.35 -4.00
CA SER A 19 1.81 -4.19 -5.45
C SER A 19 0.55 -3.71 -6.18
N LYS A 20 -0.60 -4.25 -5.80
CA LYS A 20 -1.87 -3.85 -6.41
C LYS A 20 -2.40 -2.55 -5.79
N HIS A 21 -2.10 -2.35 -4.50
CA HIS A 21 -2.52 -1.15 -3.77
C HIS A 21 -1.61 0.04 -4.06
N ILE A 22 -0.30 -0.20 -4.22
CA ILE A 22 0.65 0.89 -4.47
C ILE A 22 0.36 1.62 -5.78
N THR A 23 0.16 0.86 -6.86
CA THR A 23 -0.12 1.46 -8.16
C THR A 23 -1.26 2.50 -8.07
N LEU A 24 -2.22 2.29 -7.18
CA LEU A 24 -3.34 3.23 -7.01
C LEU A 24 -3.07 4.17 -5.83
N HIS A 25 -2.53 3.64 -4.74
CA HIS A 25 -2.24 4.44 -3.56
C HIS A 25 -1.10 5.42 -3.85
N GLU A 26 -0.20 5.06 -4.76
CA GLU A 26 0.89 5.95 -5.14
C GLU A 26 0.35 7.05 -6.06
N LEU A 27 -0.83 6.81 -6.63
CA LEU A 27 -1.47 7.80 -7.52
C LEU A 27 -2.23 8.85 -6.72
N LEU A 28 -3.09 8.38 -5.80
CA LEU A 28 -3.89 9.28 -4.97
C LEU A 28 -3.31 9.39 -3.55
N GLY A 29 -3.24 8.25 -2.86
CA GLY A 29 -2.72 8.24 -1.51
C GLY A 29 -3.80 8.43 -0.47
N GLU A 30 -4.68 7.42 -0.35
CA GLU A 30 -5.78 7.47 0.62
C GLU A 30 -5.64 6.37 1.66
N GLU A 31 -5.59 6.77 2.94
CA GLU A 31 -5.45 5.83 4.04
C GLU A 31 -6.78 5.67 4.77
N ARG A 32 -7.27 4.42 4.84
CA ARG A 32 -8.53 4.13 5.52
C ARG A 32 -8.39 4.29 7.03
N ARG A 33 -8.91 5.40 7.56
CA ARG A 33 -8.85 5.68 8.99
C ARG A 33 -9.95 6.65 9.41
N TYR A 1 0.81 -9.22 8.59
CA TYR A 1 1.36 -7.92 8.09
C TYR A 1 2.88 -7.93 8.12
N LYS A 2 3.49 -7.85 6.94
CA LYS A 2 4.95 -7.85 6.82
C LYS A 2 5.43 -7.17 5.53
N PHE A 3 4.72 -6.11 5.12
CA PHE A 3 5.08 -5.38 3.91
C PHE A 3 4.49 -3.97 3.93
N ALA A 4 5.35 -2.97 3.70
CA ALA A 4 4.93 -1.58 3.68
C ALA A 4 5.21 -0.94 2.33
N CYS A 5 4.24 -0.19 1.81
CA CYS A 5 4.36 0.49 0.52
C CYS A 5 5.54 1.46 0.53
N PRO A 6 6.12 1.73 -0.66
CA PRO A 6 7.24 2.67 -0.79
C PRO A 6 6.83 4.10 -0.43
N GLU A 7 5.52 4.39 -0.54
CA GLU A 7 4.99 5.70 -0.24
C GLU A 7 4.46 5.77 1.20
N CYS A 8 3.53 4.87 1.55
CA CYS A 8 2.95 4.85 2.89
C CYS A 8 3.49 3.71 3.74
N PRO A 9 3.30 3.86 5.06
CA PRO A 9 3.73 2.89 6.06
C PRO A 9 2.71 1.77 6.30
N LYS A 10 1.61 1.78 5.54
CA LYS A 10 0.54 0.78 5.68
C LYS A 10 1.10 -0.64 5.65
N ARG A 11 0.69 -1.42 6.65
CA ARG A 11 1.11 -2.82 6.76
C ARG A 11 -0.02 -3.74 6.29
N PHE A 12 0.23 -4.49 5.22
CA PHE A 12 -0.78 -5.38 4.67
C PHE A 12 -0.56 -6.82 5.17
N MET A 13 0.07 -7.66 4.33
CA MET A 13 0.35 -9.06 4.70
C MET A 13 1.45 -9.64 3.81
N ARG A 14 1.29 -9.47 2.50
CA ARG A 14 2.25 -9.97 1.53
C ARG A 14 2.72 -8.86 0.60
N SER A 15 3.69 -9.16 -0.26
CA SER A 15 4.23 -8.18 -1.21
C SER A 15 3.16 -7.77 -2.23
N ASP A 16 2.44 -8.75 -2.77
CA ASP A 16 1.39 -8.48 -3.76
C ASP A 16 0.25 -7.67 -3.17
N HIS A 17 -0.02 -7.86 -1.87
CA HIS A 17 -1.08 -7.12 -1.18
C HIS A 17 -0.91 -5.61 -1.39
N LEU A 18 0.34 -5.17 -1.45
CA LEU A 18 0.66 -3.75 -1.64
C LEU A 18 0.81 -3.46 -3.12
N SER A 19 1.55 -4.32 -3.83
CA SER A 19 1.79 -4.15 -5.27
C SER A 19 0.54 -3.67 -6.01
N LYS A 20 -0.62 -4.20 -5.62
CA LYS A 20 -1.89 -3.80 -6.25
C LYS A 20 -2.40 -2.49 -5.65
N HIS A 21 -2.11 -2.26 -4.37
CA HIS A 21 -2.54 -1.04 -3.67
C HIS A 21 -1.62 0.14 -3.98
N ILE A 22 -0.33 -0.11 -4.19
CA ILE A 22 0.63 0.97 -4.48
C ILE A 22 0.32 1.68 -5.78
N THR A 23 0.08 0.91 -6.84
CA THR A 23 -0.22 1.49 -8.15
C THR A 23 -1.36 2.51 -8.09
N LEU A 24 -2.25 2.37 -7.09
CA LEU A 24 -3.37 3.30 -6.93
C LEU A 24 -3.10 4.26 -5.77
N HIS A 25 -2.56 3.74 -4.67
CA HIS A 25 -2.25 4.54 -3.50
C HIS A 25 -1.12 5.51 -3.80
N GLU A 26 -0.22 5.14 -4.72
CA GLU A 26 0.86 6.02 -5.10
C GLU A 26 0.28 7.24 -5.83
N LEU A 27 -0.95 7.08 -6.36
CA LEU A 27 -1.62 8.18 -7.06
C LEU A 27 -2.55 8.93 -6.11
N LEU A 28 -3.71 8.33 -5.81
CA LEU A 28 -4.68 8.93 -4.91
C LEU A 28 -4.67 8.24 -3.54
N GLY A 29 -5.47 8.76 -2.61
CA GLY A 29 -5.54 8.18 -1.28
C GLY A 29 -6.27 6.85 -1.28
N GLU A 30 -7.59 6.89 -1.11
CA GLU A 30 -8.41 5.68 -1.09
C GLU A 30 -9.88 6.02 -1.30
N GLU A 31 -10.36 5.83 -2.52
CA GLU A 31 -11.75 6.10 -2.86
C GLU A 31 -12.55 4.81 -3.00
N ARG A 32 -13.02 4.29 -1.86
CA ARG A 32 -13.80 3.05 -1.85
C ARG A 32 -15.29 3.33 -1.67
N ARG A 33 -15.62 4.40 -0.94
CA ARG A 33 -17.01 4.78 -0.69
C ARG A 33 -17.71 5.19 -1.98
N TYR A 1 2.72 -10.13 8.50
CA TYR A 1 2.56 -8.65 8.48
C TYR A 1 3.91 -7.95 8.57
N LYS A 2 4.60 -7.84 7.43
CA LYS A 2 5.90 -7.20 7.38
C LYS A 2 6.20 -6.65 5.97
N PHE A 3 5.23 -5.95 5.39
CA PHE A 3 5.39 -5.37 4.06
C PHE A 3 4.64 -4.04 3.96
N ALA A 4 5.41 -2.95 3.83
CA ALA A 4 4.83 -1.62 3.72
C ALA A 4 5.19 -0.97 2.39
N CYS A 5 4.24 -0.23 1.81
CA CYS A 5 4.44 0.44 0.54
C CYS A 5 5.59 1.44 0.60
N PRO A 6 6.27 1.68 -0.53
CA PRO A 6 7.38 2.63 -0.60
C PRO A 6 6.93 4.07 -0.34
N GLU A 7 5.62 4.30 -0.43
CA GLU A 7 5.04 5.63 -0.21
C GLU A 7 4.41 5.74 1.18
N CYS A 8 3.46 4.84 1.50
CA CYS A 8 2.79 4.88 2.80
C CYS A 8 3.37 3.89 3.79
N PRO A 9 3.06 4.12 5.07
CA PRO A 9 3.50 3.29 6.19
C PRO A 9 2.61 2.08 6.45
N LYS A 10 1.51 1.96 5.70
CA LYS A 10 0.56 0.86 5.86
C LYS A 10 1.24 -0.50 5.74
N ARG A 11 0.96 -1.37 6.72
CA ARG A 11 1.52 -2.72 6.73
C ARG A 11 0.47 -3.72 6.28
N PHE A 12 0.80 -4.45 5.21
CA PHE A 12 -0.11 -5.45 4.65
C PHE A 12 0.31 -6.87 5.09
N MET A 13 -0.27 -7.88 4.45
CA MET A 13 0.04 -9.27 4.77
C MET A 13 1.01 -9.87 3.75
N ARG A 14 0.82 -9.53 2.47
CA ARG A 14 1.67 -10.04 1.39
C ARG A 14 2.19 -8.92 0.50
N SER A 15 3.32 -9.15 -0.15
CA SER A 15 3.91 -8.16 -1.06
C SER A 15 2.93 -7.76 -2.15
N ASP A 16 2.23 -8.75 -2.71
CA ASP A 16 1.25 -8.51 -3.78
C ASP A 16 0.11 -7.60 -3.29
N HIS A 17 -0.25 -7.74 -2.00
CA HIS A 17 -1.31 -6.92 -1.40
C HIS A 17 -0.99 -5.43 -1.59
N LEU A 18 0.30 -5.10 -1.62
CA LEU A 18 0.75 -3.73 -1.79
C LEU A 18 0.96 -3.44 -3.27
N SER A 19 1.73 -4.30 -3.93
CA SER A 19 2.03 -4.13 -5.36
C SER A 19 0.81 -3.66 -6.14
N LYS A 20 -0.37 -4.19 -5.81
CA LYS A 20 -1.61 -3.80 -6.47
C LYS A 20 -2.18 -2.52 -5.85
N HIS A 21 -1.95 -2.34 -4.54
CA HIS A 21 -2.43 -1.17 -3.81
C HIS A 21 -1.54 0.06 -4.05
N ILE A 22 -0.24 -0.15 -4.27
CA ILE A 22 0.69 0.97 -4.51
C ILE A 22 0.36 1.72 -5.79
N THR A 23 0.11 0.99 -6.85
CA THR A 23 -0.23 1.62 -8.13
C THR A 23 -1.47 2.52 -8.03
N LEU A 24 -2.34 2.24 -7.05
CA LEU A 24 -3.55 3.04 -6.85
C LEU A 24 -3.38 4.01 -5.68
N HIS A 25 -2.76 3.55 -4.60
CA HIS A 25 -2.52 4.38 -3.42
C HIS A 25 -1.48 5.45 -3.74
N GLU A 26 -0.57 5.16 -4.68
CA GLU A 26 0.44 6.12 -5.09
C GLU A 26 -0.12 6.97 -6.24
N LEU A 27 -1.12 6.43 -6.96
CA LEU A 27 -1.74 7.15 -8.06
C LEU A 27 -2.72 8.20 -7.54
N LEU A 28 -3.63 7.78 -6.65
CA LEU A 28 -4.62 8.68 -6.07
C LEU A 28 -4.07 9.39 -4.84
N GLY A 29 -3.63 8.62 -3.85
CA GLY A 29 -3.09 9.20 -2.64
C GLY A 29 -4.17 9.76 -1.73
N GLU A 30 -5.12 8.91 -1.34
CA GLU A 30 -6.22 9.32 -0.47
C GLU A 30 -6.06 8.73 0.93
N GLU A 31 -6.23 9.57 1.95
CA GLU A 31 -6.11 9.14 3.33
C GLU A 31 -7.48 8.80 3.92
N ARG A 32 -7.69 7.53 4.25
CA ARG A 32 -8.95 7.08 4.83
C ARG A 32 -9.06 7.46 6.30
N ARG A 33 -10.29 7.76 6.75
CA ARG A 33 -10.55 8.16 8.14
C ARG A 33 -10.14 9.60 8.39
N TYR A 1 2.88 -10.12 8.11
CA TYR A 1 2.47 -8.72 7.82
C TYR A 1 3.62 -7.73 8.08
N LYS A 2 4.69 -7.87 7.30
CA LYS A 2 5.86 -7.00 7.43
C LYS A 2 6.25 -6.41 6.08
N PHE A 3 5.30 -5.73 5.44
CA PHE A 3 5.54 -5.10 4.14
C PHE A 3 4.85 -3.74 4.07
N ALA A 4 5.65 -2.68 3.87
CA ALA A 4 5.12 -1.34 3.79
C ALA A 4 5.38 -0.73 2.42
N CYS A 5 4.36 -0.06 1.87
CA CYS A 5 4.47 0.57 0.56
C CYS A 5 5.58 1.63 0.55
N PRO A 6 6.17 1.90 -0.62
CA PRO A 6 7.23 2.89 -0.76
C PRO A 6 6.75 4.30 -0.39
N GLU A 7 5.44 4.52 -0.47
CA GLU A 7 4.85 5.82 -0.17
C GLU A 7 4.24 5.85 1.24
N CYS A 8 3.39 4.87 1.57
CA CYS A 8 2.75 4.83 2.89
C CYS A 8 3.35 3.78 3.79
N PRO A 9 3.07 3.94 5.10
CA PRO A 9 3.53 3.03 6.15
C PRO A 9 2.62 1.82 6.36
N LYS A 10 1.51 1.75 5.61
CA LYS A 10 0.55 0.65 5.73
C LYS A 10 1.25 -0.70 5.60
N ARG A 11 1.03 -1.56 6.60
CA ARG A 11 1.62 -2.90 6.60
C ARG A 11 0.61 -3.94 6.12
N PHE A 12 0.89 -4.55 4.96
CA PHE A 12 0.01 -5.56 4.40
C PHE A 12 0.50 -6.97 4.77
N MET A 13 -0.36 -7.97 4.53
CA MET A 13 -0.02 -9.35 4.84
C MET A 13 0.87 -9.98 3.77
N ARG A 14 0.68 -9.58 2.51
CA ARG A 14 1.47 -10.11 1.40
C ARG A 14 1.99 -8.99 0.51
N SER A 15 3.15 -9.22 -0.10
CA SER A 15 3.77 -8.24 -0.99
C SER A 15 2.80 -7.82 -2.11
N ASP A 16 2.03 -8.79 -2.62
CA ASP A 16 1.06 -8.52 -3.68
C ASP A 16 -0.04 -7.59 -3.19
N HIS A 17 -0.41 -7.72 -1.91
CA HIS A 17 -1.44 -6.85 -1.32
C HIS A 17 -1.08 -5.38 -1.47
N LEU A 18 0.23 -5.11 -1.54
CA LEU A 18 0.74 -3.75 -1.71
C LEU A 18 0.94 -3.46 -3.19
N SER A 19 1.72 -4.31 -3.84
CA SER A 19 2.03 -4.15 -5.27
C SER A 19 0.81 -3.67 -6.07
N LYS A 20 -0.37 -4.22 -5.75
CA LYS A 20 -1.60 -3.81 -6.43
C LYS A 20 -2.15 -2.52 -5.82
N HIS A 21 -1.99 -2.37 -4.51
CA HIS A 21 -2.45 -1.18 -3.80
C HIS A 21 -1.54 0.03 -4.04
N ILE A 22 -0.24 -0.19 -4.24
CA ILE A 22 0.70 0.92 -4.47
C ILE A 22 0.39 1.66 -5.76
N THR A 23 0.20 0.93 -6.84
CA THR A 23 -0.10 1.55 -8.13
C THR A 23 -1.31 2.48 -8.07
N LEU A 24 -2.19 2.27 -7.10
CA LEU A 24 -3.38 3.12 -6.93
C LEU A 24 -3.20 4.09 -5.75
N HIS A 25 -2.63 3.57 -4.66
CA HIS A 25 -2.39 4.38 -3.47
C HIS A 25 -1.30 5.42 -3.72
N GLU A 26 -0.35 5.08 -4.61
CA GLU A 26 0.70 6.03 -4.95
C GLU A 26 0.08 7.17 -5.77
N LEU A 27 -1.10 6.91 -6.34
CA LEU A 27 -1.81 7.93 -7.13
C LEU A 27 -2.75 8.73 -6.24
N LEU A 28 -3.74 8.05 -5.65
CA LEU A 28 -4.70 8.68 -4.77
C LEU A 28 -4.41 8.33 -3.31
N GLY A 29 -4.37 9.35 -2.45
CA GLY A 29 -4.10 9.14 -1.04
C GLY A 29 -5.35 8.88 -0.24
N GLU A 30 -6.03 7.77 -0.55
CA GLU A 30 -7.26 7.39 0.14
C GLU A 30 -7.65 5.95 -0.14
N GLU A 31 -7.72 5.13 0.92
CA GLU A 31 -8.09 3.73 0.79
C GLU A 31 -9.61 3.55 0.93
N ARG A 32 -10.07 2.30 0.88
CA ARG A 32 -11.50 2.00 1.00
C ARG A 32 -12.05 2.56 2.32
N ARG A 33 -12.95 3.55 2.20
CA ARG A 33 -13.56 4.18 3.37
C ARG A 33 -14.64 3.27 3.97
N TYR A 1 1.80 -9.81 7.88
CA TYR A 1 1.69 -8.33 8.02
C TYR A 1 3.07 -7.68 8.22
N LYS A 2 3.92 -7.79 7.19
CA LYS A 2 5.26 -7.23 7.25
C LYS A 2 5.69 -6.64 5.91
N PHE A 3 4.81 -5.85 5.31
CA PHE A 3 5.12 -5.22 4.02
C PHE A 3 4.45 -3.85 3.92
N ALA A 4 5.29 -2.81 3.78
CA ALA A 4 4.79 -1.45 3.69
C ALA A 4 5.17 -0.83 2.33
N CYS A 5 4.22 -0.11 1.73
CA CYS A 5 4.43 0.53 0.44
C CYS A 5 5.59 1.52 0.49
N PRO A 6 6.21 1.82 -0.67
CA PRO A 6 7.32 2.77 -0.75
C PRO A 6 6.92 4.18 -0.33
N GLU A 7 5.61 4.47 -0.36
CA GLU A 7 5.09 5.78 0.00
C GLU A 7 4.51 5.79 1.42
N CYS A 8 3.58 4.87 1.69
CA CYS A 8 2.96 4.81 3.02
C CYS A 8 3.52 3.70 3.89
N PRO A 9 3.31 3.85 5.20
CA PRO A 9 3.76 2.90 6.21
C PRO A 9 2.76 1.77 6.48
N LYS A 10 1.63 1.78 5.76
CA LYS A 10 0.58 0.77 5.92
C LYS A 10 1.12 -0.64 5.72
N ARG A 11 0.92 -1.48 6.73
CA ARG A 11 1.35 -2.88 6.67
C ARG A 11 0.18 -3.76 6.27
N PHE A 12 0.31 -4.45 5.13
CA PHE A 12 -0.75 -5.31 4.63
C PHE A 12 -0.54 -6.74 5.14
N MET A 13 -0.06 -7.64 4.26
CA MET A 13 0.18 -9.04 4.62
C MET A 13 1.27 -9.64 3.75
N ARG A 14 1.12 -9.48 2.43
CA ARG A 14 2.08 -10.01 1.47
C ARG A 14 2.63 -8.89 0.58
N SER A 15 3.64 -9.21 -0.23
CA SER A 15 4.25 -8.24 -1.12
C SER A 15 3.28 -7.80 -2.24
N ASP A 16 2.51 -8.76 -2.76
CA ASP A 16 1.55 -8.46 -3.82
C ASP A 16 0.36 -7.66 -3.28
N HIS A 17 0.01 -7.88 -2.01
CA HIS A 17 -1.10 -7.16 -1.38
C HIS A 17 -0.93 -5.65 -1.56
N LEU A 18 0.32 -5.20 -1.50
CA LEU A 18 0.64 -3.78 -1.69
C LEU A 18 0.78 -3.49 -3.17
N SER A 19 1.49 -4.38 -3.87
CA SER A 19 1.72 -4.23 -5.31
C SER A 19 0.46 -3.76 -6.04
N LYS A 20 -0.70 -4.25 -5.61
CA LYS A 20 -1.98 -3.87 -6.20
C LYS A 20 -2.48 -2.54 -5.63
N HIS A 21 -2.16 -2.28 -4.34
CA HIS A 21 -2.57 -1.06 -3.68
C HIS A 21 -1.63 0.12 -4.01
N ILE A 22 -0.37 -0.16 -4.28
CA ILE A 22 0.59 0.91 -4.60
C ILE A 22 0.26 1.58 -5.93
N THR A 23 -0.06 0.79 -6.94
CA THR A 23 -0.40 1.33 -8.25
C THR A 23 -1.53 2.37 -8.18
N LEU A 24 -2.35 2.30 -7.13
CA LEU A 24 -3.45 3.25 -6.93
C LEU A 24 -3.12 4.25 -5.83
N HIS A 25 -2.49 3.76 -4.75
CA HIS A 25 -2.12 4.60 -3.62
C HIS A 25 -0.90 5.46 -3.93
N GLU A 26 -0.02 4.94 -4.80
CA GLU A 26 1.18 5.69 -5.19
C GLU A 26 0.90 6.57 -6.41
N LEU A 27 -0.17 6.25 -7.14
CA LEU A 27 -0.52 7.02 -8.34
C LEU A 27 -1.75 7.90 -8.10
N LEU A 28 -2.91 7.25 -7.93
CA LEU A 28 -4.16 7.97 -7.69
C LEU A 28 -4.09 8.76 -6.39
N GLY A 29 -3.37 8.23 -5.40
CA GLY A 29 -3.25 8.90 -4.12
C GLY A 29 -4.44 8.66 -3.21
N GLU A 30 -4.91 7.41 -3.17
CA GLU A 30 -6.06 7.05 -2.35
C GLU A 30 -5.71 5.93 -1.37
N GLU A 31 -5.40 6.30 -0.13
CA GLU A 31 -5.07 5.33 0.90
C GLU A 31 -6.23 5.16 1.88
N ARG A 32 -6.73 3.93 2.00
CA ARG A 32 -7.85 3.65 2.90
C ARG A 32 -7.42 3.82 4.36
N ARG A 33 -7.87 4.91 4.97
CA ARG A 33 -7.54 5.20 6.37
C ARG A 33 -8.45 4.43 7.33
N TYR A 1 2.44 -10.06 8.64
CA TYR A 1 2.32 -8.64 8.25
C TYR A 1 3.66 -7.91 8.39
N LYS A 2 4.43 -7.85 7.30
CA LYS A 2 5.74 -7.21 7.31
C LYS A 2 6.10 -6.67 5.92
N PHE A 3 5.19 -5.87 5.34
CA PHE A 3 5.39 -5.28 4.03
C PHE A 3 4.66 -3.94 3.91
N ALA A 4 5.43 -2.86 3.79
CA ALA A 4 4.86 -1.53 3.68
C ALA A 4 5.18 -0.90 2.33
N CYS A 5 4.22 -0.15 1.78
CA CYS A 5 4.38 0.51 0.49
C CYS A 5 5.51 1.55 0.54
N PRO A 6 6.11 1.85 -0.62
CA PRO A 6 7.20 2.83 -0.71
C PRO A 6 6.74 4.23 -0.32
N GLU A 7 5.43 4.48 -0.41
CA GLU A 7 4.87 5.79 -0.07
C GLU A 7 4.27 5.81 1.34
N CYS A 8 3.40 4.84 1.65
CA CYS A 8 2.76 4.79 2.97
C CYS A 8 3.39 3.76 3.89
N PRO A 9 3.14 3.95 5.20
CA PRO A 9 3.64 3.08 6.25
C PRO A 9 2.75 1.87 6.54
N LYS A 10 1.58 1.83 5.87
CA LYS A 10 0.63 0.73 6.05
C LYS A 10 1.28 -0.62 5.80
N ARG A 11 1.13 -1.53 6.76
CA ARG A 11 1.68 -2.87 6.66
C ARG A 11 0.62 -3.86 6.21
N PHE A 12 0.85 -4.49 5.06
CA PHE A 12 -0.10 -5.45 4.51
C PHE A 12 0.30 -6.87 4.90
N MET A 13 -0.45 -7.86 4.42
CA MET A 13 -0.18 -9.26 4.73
C MET A 13 0.90 -9.83 3.81
N ARG A 14 0.84 -9.48 2.52
CA ARG A 14 1.83 -9.97 1.54
C ARG A 14 2.27 -8.85 0.61
N SER A 15 3.44 -9.03 -0.01
CA SER A 15 3.98 -8.05 -0.94
C SER A 15 2.99 -7.72 -2.06
N ASP A 16 2.32 -8.76 -2.57
CA ASP A 16 1.34 -8.58 -3.65
C ASP A 16 0.17 -7.70 -3.20
N HIS A 17 -0.21 -7.80 -1.92
CA HIS A 17 -1.30 -7.00 -1.36
C HIS A 17 -1.03 -5.50 -1.57
N LEU A 18 0.26 -5.14 -1.60
CA LEU A 18 0.66 -3.76 -1.82
C LEU A 18 0.83 -3.49 -3.30
N SER A 19 1.59 -4.35 -3.97
CA SER A 19 1.85 -4.22 -5.40
C SER A 19 0.61 -3.73 -6.17
N LYS A 20 -0.57 -4.24 -5.79
CA LYS A 20 -1.81 -3.83 -6.44
C LYS A 20 -2.34 -2.53 -5.84
N HIS A 21 -2.10 -2.34 -4.54
CA HIS A 21 -2.54 -1.13 -3.82
C HIS A 21 -1.61 0.06 -4.09
N ILE A 22 -0.32 -0.19 -4.33
CA ILE A 22 0.63 0.89 -4.59
C ILE A 22 0.35 1.61 -5.89
N THR A 23 0.09 0.87 -6.95
CA THR A 23 -0.20 1.47 -8.25
C THR A 23 -1.36 2.48 -8.18
N LEU A 24 -2.22 2.33 -7.16
CA LEU A 24 -3.36 3.24 -6.98
C LEU A 24 -3.07 4.20 -5.83
N HIS A 25 -2.56 3.67 -4.72
CA HIS A 25 -2.24 4.48 -3.54
C HIS A 25 -1.06 5.40 -3.81
N GLU A 26 -0.14 4.97 -4.68
CA GLU A 26 1.01 5.79 -5.04
C GLU A 26 0.58 6.85 -6.05
N LEU A 27 -0.56 6.61 -6.72
CA LEU A 27 -1.07 7.54 -7.72
C LEU A 27 -2.28 8.33 -7.20
N LEU A 28 -3.49 7.83 -7.46
CA LEU A 28 -4.71 8.50 -7.01
C LEU A 28 -5.35 7.77 -5.83
N GLY A 29 -5.40 8.44 -4.68
CA GLY A 29 -5.99 7.84 -3.49
C GLY A 29 -7.49 7.80 -3.55
N GLU A 30 -8.06 6.62 -3.80
CA GLU A 30 -9.50 6.44 -3.88
C GLU A 30 -10.12 6.30 -2.49
N GLU A 31 -11.41 6.63 -2.39
CA GLU A 31 -12.12 6.54 -1.12
C GLU A 31 -13.07 5.35 -1.11
N ARG A 32 -13.48 4.93 0.09
CA ARG A 32 -14.39 3.79 0.25
C ARG A 32 -15.80 4.27 0.61
N ARG A 33 -16.80 3.63 0.02
CA ARG A 33 -18.20 3.98 0.28
C ARG A 33 -18.69 3.33 1.58
N TYR A 1 1.65 -8.93 9.00
CA TYR A 1 1.97 -7.69 8.24
C TYR A 1 3.45 -7.33 8.36
N LYS A 2 4.20 -7.58 7.29
CA LYS A 2 5.64 -7.28 7.26
C LYS A 2 6.06 -6.68 5.92
N PHE A 3 5.17 -5.87 5.33
CA PHE A 3 5.44 -5.24 4.05
C PHE A 3 4.80 -3.86 4.00
N ALA A 4 5.63 -2.82 4.03
CA ALA A 4 5.13 -1.44 3.98
C ALA A 4 5.39 -0.82 2.61
N CYS A 5 4.35 -0.22 2.04
CA CYS A 5 4.46 0.42 0.73
C CYS A 5 5.56 1.48 0.73
N PRO A 6 6.16 1.75 -0.44
CA PRO A 6 7.22 2.75 -0.57
C PRO A 6 6.73 4.19 -0.33
N GLU A 7 5.41 4.38 -0.36
CA GLU A 7 4.83 5.70 -0.14
C GLU A 7 4.13 5.82 1.22
N CYS A 8 3.31 4.82 1.58
CA CYS A 8 2.60 4.86 2.86
C CYS A 8 3.19 3.91 3.88
N PRO A 9 2.82 4.15 5.15
CA PRO A 9 3.26 3.36 6.28
C PRO A 9 2.43 2.08 6.50
N LYS A 10 1.31 1.96 5.79
CA LYS A 10 0.44 0.79 5.92
C LYS A 10 1.20 -0.49 5.62
N ARG A 11 1.20 -1.41 6.58
CA ARG A 11 1.89 -2.68 6.43
C ARG A 11 0.91 -3.78 6.01
N PHE A 12 1.13 -4.35 4.82
CA PHE A 12 0.29 -5.41 4.30
C PHE A 12 0.87 -6.78 4.66
N MET A 13 0.04 -7.82 4.64
CA MET A 13 0.49 -9.16 4.99
C MET A 13 1.18 -9.86 3.81
N ARG A 14 0.92 -9.40 2.58
CA ARG A 14 1.53 -9.99 1.38
C ARG A 14 2.15 -8.93 0.49
N SER A 15 3.13 -9.36 -0.32
CA SER A 15 3.83 -8.45 -1.24
C SER A 15 2.90 -8.04 -2.39
N ASP A 16 1.96 -8.93 -2.74
CA ASP A 16 1.00 -8.65 -3.81
C ASP A 16 -0.13 -7.75 -3.29
N HIS A 17 -0.45 -7.90 -2.00
CA HIS A 17 -1.50 -7.10 -1.36
C HIS A 17 -1.26 -5.62 -1.56
N LEU A 18 0.01 -5.21 -1.51
CA LEU A 18 0.38 -3.81 -1.72
C LEU A 18 0.63 -3.56 -3.19
N SER A 19 1.43 -4.43 -3.81
CA SER A 19 1.78 -4.30 -5.24
C SER A 19 0.63 -3.73 -6.07
N LYS A 20 -0.60 -4.20 -5.83
CA LYS A 20 -1.75 -3.70 -6.57
C LYS A 20 -2.24 -2.38 -5.97
N HIS A 21 -2.23 -2.29 -4.64
CA HIS A 21 -2.65 -1.09 -3.93
C HIS A 21 -1.63 0.06 -4.09
N ILE A 22 -0.34 -0.25 -4.25
CA ILE A 22 0.67 0.80 -4.40
C ILE A 22 0.48 1.58 -5.68
N THR A 23 0.31 0.90 -6.80
CA THR A 23 0.11 1.56 -8.09
C THR A 23 -1.05 2.58 -8.03
N LEU A 24 -2.02 2.33 -7.15
CA LEU A 24 -3.17 3.23 -7.00
C LEU A 24 -2.97 4.18 -5.81
N HIS A 25 -2.49 3.64 -4.69
CA HIS A 25 -2.26 4.44 -3.49
C HIS A 25 -1.10 5.41 -3.72
N GLU A 26 -0.13 5.02 -4.54
CA GLU A 26 1.00 5.89 -4.86
C GLU A 26 0.59 6.87 -5.96
N LEU A 27 -0.41 6.47 -6.76
CA LEU A 27 -0.90 7.32 -7.84
C LEU A 27 -1.80 8.42 -7.29
N LEU A 28 -2.89 8.01 -6.63
CA LEU A 28 -3.85 8.95 -6.04
C LEU A 28 -3.69 9.00 -4.52
N GLY A 29 -3.80 7.84 -3.87
CA GLY A 29 -3.66 7.77 -2.42
C GLY A 29 -5.00 7.87 -1.72
N GLU A 30 -5.53 6.73 -1.28
CA GLU A 30 -6.81 6.68 -0.58
C GLU A 30 -6.61 6.41 0.91
N GLU A 31 -5.71 7.19 1.53
CA GLU A 31 -5.42 7.05 2.95
C GLU A 31 -6.06 8.18 3.74
N ARG A 32 -7.39 8.15 3.83
CA ARG A 32 -8.14 9.18 4.55
C ARG A 32 -7.92 9.07 6.05
N ARG A 33 -7.61 10.20 6.69
CA ARG A 33 -7.37 10.25 8.13
C ARG A 33 -8.41 11.11 8.84
N TYR A 1 2.29 -10.34 8.57
CA TYR A 1 2.20 -8.96 8.03
C TYR A 1 3.40 -8.12 8.46
N LYS A 2 4.23 -7.74 7.49
CA LYS A 2 5.42 -6.93 7.76
C LYS A 2 5.97 -6.32 6.47
N PHE A 3 5.11 -5.64 5.72
CA PHE A 3 5.50 -4.99 4.47
C PHE A 3 4.75 -3.68 4.26
N ALA A 4 5.50 -2.60 4.09
CA ALA A 4 4.91 -1.29 3.88
C ALA A 4 5.24 -0.74 2.49
N CYS A 5 4.27 -0.05 1.89
CA CYS A 5 4.44 0.53 0.57
C CYS A 5 5.58 1.56 0.55
N PRO A 6 6.18 1.79 -0.62
CA PRO A 6 7.27 2.78 -0.78
C PRO A 6 6.81 4.19 -0.44
N GLU A 7 5.49 4.41 -0.49
CA GLU A 7 4.92 5.73 -0.20
C GLU A 7 4.33 5.79 1.21
N CYS A 8 3.46 4.84 1.56
CA CYS A 8 2.84 4.82 2.88
C CYS A 8 3.41 3.75 3.79
N PRO A 9 3.15 3.93 5.10
CA PRO A 9 3.61 3.03 6.15
C PRO A 9 2.66 1.85 6.39
N LYS A 10 1.55 1.79 5.63
CA LYS A 10 0.57 0.72 5.77
C LYS A 10 1.20 -0.66 5.68
N ARG A 11 0.98 -1.48 6.70
CA ARG A 11 1.52 -2.84 6.73
C ARG A 11 0.48 -3.84 6.24
N PHE A 12 0.79 -4.50 5.13
CA PHE A 12 -0.12 -5.49 4.54
C PHE A 12 0.28 -6.90 4.97
N MET A 13 -0.32 -7.90 4.34
CA MET A 13 -0.03 -9.31 4.65
C MET A 13 0.99 -9.90 3.68
N ARG A 14 0.89 -9.54 2.40
CA ARG A 14 1.80 -10.05 1.37
C ARG A 14 2.26 -8.94 0.44
N SER A 15 3.36 -9.20 -0.28
CA SER A 15 3.92 -8.22 -1.23
C SER A 15 2.90 -7.84 -2.29
N ASP A 16 2.17 -8.82 -2.80
CA ASP A 16 1.15 -8.57 -3.82
C ASP A 16 0.03 -7.67 -3.29
N HIS A 17 -0.27 -7.81 -1.98
CA HIS A 17 -1.30 -6.99 -1.34
C HIS A 17 -1.00 -5.51 -1.53
N LEU A 18 0.30 -5.17 -1.60
CA LEU A 18 0.74 -3.80 -1.79
C LEU A 18 0.87 -3.51 -3.27
N SER A 19 1.61 -4.37 -3.98
CA SER A 19 1.84 -4.21 -5.41
C SER A 19 0.59 -3.73 -6.15
N LYS A 20 -0.58 -4.24 -5.76
CA LYS A 20 -1.84 -3.84 -6.37
C LYS A 20 -2.36 -2.54 -5.75
N HIS A 21 -2.07 -2.35 -4.45
CA HIS A 21 -2.51 -1.15 -3.74
C HIS A 21 -1.59 0.04 -4.02
N ILE A 22 -0.30 -0.21 -4.21
CA ILE A 22 0.66 0.87 -4.46
C ILE A 22 0.36 1.62 -5.75
N THR A 23 0.15 0.89 -6.84
CA THR A 23 -0.16 1.52 -8.13
C THR A 23 -1.31 2.53 -8.02
N LEU A 24 -2.23 2.29 -7.11
CA LEU A 24 -3.37 3.20 -6.91
C LEU A 24 -3.11 4.16 -5.75
N HIS A 25 -2.55 3.64 -4.66
CA HIS A 25 -2.25 4.46 -3.48
C HIS A 25 -1.13 5.45 -3.78
N GLU A 26 -0.24 5.07 -4.70
CA GLU A 26 0.86 5.95 -5.11
C GLU A 26 0.40 6.86 -6.25
N LEU A 27 -0.65 6.42 -6.98
CA LEU A 27 -1.19 7.20 -8.08
C LEU A 27 -2.05 8.35 -7.57
N LEU A 28 -3.02 8.03 -6.72
CA LEU A 28 -3.92 9.03 -6.15
C LEU A 28 -3.51 9.41 -4.73
N GLY A 29 -3.47 8.41 -3.83
CA GLY A 29 -3.10 8.67 -2.46
C GLY A 29 -4.28 8.52 -1.51
N GLU A 30 -4.34 7.39 -0.81
CA GLU A 30 -5.43 7.12 0.13
C GLU A 30 -4.98 7.34 1.58
N GLU A 31 -4.25 8.44 1.82
CA GLU A 31 -3.76 8.77 3.16
C GLU A 31 -4.58 9.91 3.77
N ARG A 32 -5.22 9.64 4.91
CA ARG A 32 -6.03 10.63 5.60
C ARG A 32 -5.31 11.17 6.84
N ARG A 33 -5.51 12.45 7.12
CA ARG A 33 -4.88 13.08 8.29
C ARG A 33 -5.67 12.78 9.56
N TYR A 1 2.27 -10.21 8.57
CA TYR A 1 2.25 -8.78 8.17
C TYR A 1 3.65 -8.16 8.29
N LYS A 2 4.36 -8.10 7.16
CA LYS A 2 5.71 -7.54 7.13
C LYS A 2 6.04 -6.95 5.75
N PHE A 3 5.19 -6.05 5.27
CA PHE A 3 5.39 -5.42 3.97
C PHE A 3 4.64 -4.09 3.89
N ALA A 4 5.41 -2.99 3.78
CA ALA A 4 4.83 -1.66 3.69
C ALA A 4 5.17 -1.00 2.36
N CYS A 5 4.23 -0.22 1.82
CA CYS A 5 4.42 0.47 0.56
C CYS A 5 5.58 1.48 0.64
N PRO A 6 6.26 1.74 -0.49
CA PRO A 6 7.37 2.69 -0.54
C PRO A 6 6.92 4.13 -0.23
N GLU A 7 5.63 4.40 -0.40
CA GLU A 7 5.07 5.71 -0.14
C GLU A 7 4.43 5.81 1.25
N CYS A 8 3.48 4.92 1.55
CA CYS A 8 2.80 4.93 2.85
C CYS A 8 3.34 3.89 3.81
N PRO A 9 3.04 4.10 5.09
CA PRO A 9 3.45 3.21 6.19
C PRO A 9 2.51 2.02 6.41
N LYS A 10 1.47 1.90 5.57
CA LYS A 10 0.49 0.82 5.69
C LYS A 10 1.16 -0.55 5.67
N ARG A 11 0.87 -1.36 6.68
CA ARG A 11 1.43 -2.70 6.79
C ARG A 11 0.43 -3.73 6.27
N PHE A 12 0.81 -4.43 5.19
CA PHE A 12 -0.05 -5.45 4.59
C PHE A 12 0.40 -6.84 5.01
N MET A 13 -0.24 -7.87 4.45
CA MET A 13 0.08 -9.26 4.77
C MET A 13 1.11 -9.84 3.78
N ARG A 14 0.98 -9.48 2.50
CA ARG A 14 1.89 -9.98 1.47
C ARG A 14 2.33 -8.87 0.52
N SER A 15 3.45 -9.09 -0.16
CA SER A 15 3.98 -8.11 -1.12
C SER A 15 2.96 -7.75 -2.20
N ASP A 16 2.22 -8.77 -2.68
CA ASP A 16 1.21 -8.57 -3.72
C ASP A 16 0.07 -7.67 -3.21
N HIS A 17 -0.25 -7.78 -1.91
CA HIS A 17 -1.30 -6.97 -1.30
C HIS A 17 -1.01 -5.48 -1.52
N LEU A 18 0.29 -5.14 -1.59
CA LEU A 18 0.71 -3.75 -1.81
C LEU A 18 0.87 -3.49 -3.28
N SER A 19 1.62 -4.34 -3.97
CA SER A 19 1.88 -4.19 -5.40
C SER A 19 0.64 -3.70 -6.15
N LYS A 20 -0.53 -4.22 -5.79
CA LYS A 20 -1.78 -3.80 -6.42
C LYS A 20 -2.31 -2.51 -5.79
N HIS A 21 -2.06 -2.33 -4.48
CA HIS A 21 -2.50 -1.15 -3.76
C HIS A 21 -1.59 0.05 -4.03
N ILE A 22 -0.29 -0.19 -4.25
CA ILE A 22 0.65 0.91 -4.49
C ILE A 22 0.33 1.65 -5.79
N THR A 23 0.10 0.92 -6.86
CA THR A 23 -0.21 1.52 -8.16
C THR A 23 -1.40 2.48 -8.08
N LEU A 24 -2.26 2.30 -7.08
CA LEU A 24 -3.43 3.18 -6.91
C LEU A 24 -3.20 4.15 -5.74
N HIS A 25 -2.62 3.63 -4.65
CA HIS A 25 -2.34 4.44 -3.47
C HIS A 25 -1.24 5.45 -3.76
N GLU A 26 -0.29 5.10 -4.63
CA GLU A 26 0.78 6.03 -4.98
C GLU A 26 0.20 7.12 -5.89
N LEU A 27 -0.99 6.86 -6.47
CA LEU A 27 -1.64 7.82 -7.35
C LEU A 27 -2.57 8.74 -6.55
N LEU A 28 -3.56 8.14 -5.89
CA LEU A 28 -4.52 8.90 -5.09
C LEU A 28 -4.18 8.83 -3.60
N GLY A 29 -4.03 9.98 -2.97
CA GLY A 29 -3.72 10.04 -1.56
C GLY A 29 -4.96 10.01 -0.68
N GLU A 30 -5.46 8.81 -0.40
CA GLU A 30 -6.65 8.64 0.42
C GLU A 30 -6.36 8.97 1.89
N GLU A 31 -7.21 9.82 2.47
CA GLU A 31 -7.06 10.22 3.87
C GLU A 31 -7.72 9.21 4.81
N ARG A 32 -9.01 8.93 4.56
CA ARG A 32 -9.76 8.00 5.38
C ARG A 32 -9.57 6.56 4.90
N ARG A 33 -9.41 5.64 5.84
CA ARG A 33 -9.21 4.22 5.52
C ARG A 33 -10.40 3.38 5.99
N TYR A 1 2.52 -9.87 8.83
CA TYR A 1 2.29 -8.43 8.52
C TYR A 1 3.56 -7.61 8.73
N LYS A 2 4.39 -7.54 7.70
CA LYS A 2 5.64 -6.78 7.77
C LYS A 2 6.07 -6.29 6.38
N PHE A 3 5.11 -5.71 5.64
CA PHE A 3 5.39 -5.19 4.30
C PHE A 3 4.64 -3.87 4.07
N ALA A 4 5.39 -2.78 4.00
CA ALA A 4 4.80 -1.46 3.80
C ALA A 4 5.13 -0.91 2.41
N CYS A 5 4.19 -0.15 1.85
CA CYS A 5 4.35 0.45 0.53
C CYS A 5 5.49 1.48 0.52
N PRO A 6 6.09 1.72 -0.65
CA PRO A 6 7.18 2.70 -0.80
C PRO A 6 6.74 4.11 -0.44
N GLU A 7 5.43 4.37 -0.51
CA GLU A 7 4.87 5.68 -0.20
C GLU A 7 4.28 5.74 1.22
N CYS A 8 3.43 4.78 1.57
CA CYS A 8 2.81 4.76 2.90
C CYS A 8 3.42 3.72 3.82
N PRO A 9 3.18 3.92 5.13
CA PRO A 9 3.68 3.04 6.19
C PRO A 9 2.76 1.84 6.46
N LYS A 10 1.60 1.81 5.80
CA LYS A 10 0.63 0.73 5.98
C LYS A 10 1.26 -0.64 5.74
N ARG A 11 1.16 -1.52 6.73
CA ARG A 11 1.71 -2.86 6.63
C ARG A 11 0.62 -3.85 6.23
N PHE A 12 0.81 -4.48 5.06
CA PHE A 12 -0.16 -5.44 4.55
C PHE A 12 0.24 -6.86 4.96
N MET A 13 -0.43 -7.86 4.38
CA MET A 13 -0.14 -9.27 4.68
C MET A 13 0.96 -9.81 3.78
N ARG A 14 0.89 -9.50 2.48
CA ARG A 14 1.87 -9.96 1.51
C ARG A 14 2.33 -8.83 0.60
N SER A 15 3.48 -9.02 -0.05
CA SER A 15 4.04 -8.02 -0.96
C SER A 15 3.05 -7.70 -2.09
N ASP A 16 2.39 -8.73 -2.62
CA ASP A 16 1.42 -8.55 -3.71
C ASP A 16 0.23 -7.71 -3.25
N HIS A 17 -0.15 -7.84 -1.98
CA HIS A 17 -1.27 -7.07 -1.42
C HIS A 17 -1.03 -5.56 -1.62
N LEU A 18 0.25 -5.16 -1.63
CA LEU A 18 0.61 -3.77 -1.82
C LEU A 18 0.78 -3.48 -3.30
N SER A 19 1.56 -4.32 -3.98
CA SER A 19 1.82 -4.17 -5.41
C SER A 19 0.58 -3.68 -6.17
N LYS A 20 -0.59 -4.19 -5.82
CA LYS A 20 -1.84 -3.79 -6.46
C LYS A 20 -2.36 -2.48 -5.84
N HIS A 21 -2.14 -2.31 -4.53
CA HIS A 21 -2.58 -1.10 -3.83
C HIS A 21 -1.63 0.08 -4.07
N ILE A 22 -0.34 -0.17 -4.29
CA ILE A 22 0.62 0.91 -4.52
C ILE A 22 0.34 1.64 -5.82
N THR A 23 0.11 0.90 -6.89
CA THR A 23 -0.17 1.51 -8.19
C THR A 23 -1.33 2.51 -8.11
N LEU A 24 -2.21 2.36 -7.13
CA LEU A 24 -3.35 3.27 -6.95
C LEU A 24 -3.09 4.23 -5.79
N HIS A 25 -2.57 3.69 -4.68
CA HIS A 25 -2.27 4.49 -3.49
C HIS A 25 -1.08 5.43 -3.76
N GLU A 26 -0.15 5.00 -4.62
CA GLU A 26 1.00 5.81 -4.95
C GLU A 26 0.75 6.64 -6.21
N LEU A 27 -0.27 6.25 -7.00
CA LEU A 27 -0.62 6.98 -8.22
C LEU A 27 -1.01 8.42 -7.89
N LEU A 28 -2.04 8.57 -7.06
CA LEU A 28 -2.52 9.90 -6.66
C LEU A 28 -2.10 10.22 -5.22
N GLY A 29 -2.40 9.30 -4.30
CA GLY A 29 -2.05 9.51 -2.91
C GLY A 29 -3.27 9.45 -2.00
N GLU A 30 -3.82 8.25 -1.84
CA GLU A 30 -5.01 8.05 -1.00
C GLU A 30 -4.63 7.97 0.48
N GLU A 31 -5.39 8.67 1.31
CA GLU A 31 -5.14 8.68 2.76
C GLU A 31 -6.06 7.69 3.47
N ARG A 32 -5.61 6.44 3.54
CA ARG A 32 -6.38 5.37 4.19
C ARG A 32 -5.95 5.19 5.65
N ARG A 33 -6.93 4.97 6.52
CA ARG A 33 -6.66 4.78 7.95
C ARG A 33 -7.47 3.61 8.51
N TYR A 1 2.06 -10.08 8.70
CA TYR A 1 2.19 -8.65 8.32
C TYR A 1 3.64 -8.18 8.40
N LYS A 2 4.26 -7.99 7.23
CA LYS A 2 5.65 -7.55 7.16
C LYS A 2 5.98 -6.97 5.78
N PHE A 3 5.16 -6.02 5.32
CA PHE A 3 5.38 -5.39 4.03
C PHE A 3 4.67 -4.03 3.97
N ALA A 4 5.44 -2.98 3.71
CA ALA A 4 4.91 -1.62 3.63
C ALA A 4 5.26 -0.98 2.29
N CYS A 5 4.30 -0.21 1.74
CA CYS A 5 4.50 0.47 0.47
C CYS A 5 5.62 1.50 0.55
N PRO A 6 6.26 1.82 -0.60
CA PRO A 6 7.33 2.80 -0.67
C PRO A 6 6.85 4.22 -0.34
N GLU A 7 5.54 4.44 -0.49
CA GLU A 7 4.94 5.75 -0.23
C GLU A 7 4.33 5.82 1.17
N CYS A 8 3.48 4.85 1.51
CA CYS A 8 2.83 4.83 2.83
C CYS A 8 3.41 3.79 3.76
N PRO A 9 3.13 3.96 5.06
CA PRO A 9 3.58 3.08 6.12
C PRO A 9 2.66 1.87 6.34
N LYS A 10 1.49 1.86 5.67
CA LYS A 10 0.52 0.78 5.81
C LYS A 10 1.17 -0.59 5.76
N ARG A 11 0.82 -1.43 6.74
CA ARG A 11 1.35 -2.78 6.83
C ARG A 11 0.35 -3.80 6.28
N PHE A 12 0.74 -4.50 5.22
CA PHE A 12 -0.11 -5.50 4.58
C PHE A 12 0.31 -6.91 4.99
N MET A 13 -0.41 -7.91 4.48
CA MET A 13 -0.10 -9.30 4.79
C MET A 13 0.95 -9.88 3.83
N ARG A 14 0.86 -9.49 2.56
CA ARG A 14 1.81 -9.98 1.54
C ARG A 14 2.28 -8.85 0.63
N SER A 15 3.43 -9.07 -0.03
CA SER A 15 3.99 -8.08 -0.95
C SER A 15 3.00 -7.71 -2.05
N ASP A 16 2.32 -8.74 -2.59
CA ASP A 16 1.35 -8.52 -3.67
C ASP A 16 0.18 -7.64 -3.20
N HIS A 17 -0.18 -7.76 -1.91
CA HIS A 17 -1.27 -6.96 -1.35
C HIS A 17 -0.99 -5.46 -1.56
N LEU A 18 0.30 -5.10 -1.62
CA LEU A 18 0.71 -3.72 -1.82
C LEU A 18 0.90 -3.46 -3.30
N SER A 19 1.69 -4.31 -3.96
CA SER A 19 1.97 -4.16 -5.38
C SER A 19 0.75 -3.69 -6.17
N LYS A 20 -0.43 -4.20 -5.81
CA LYS A 20 -1.68 -3.82 -6.46
C LYS A 20 -2.26 -2.54 -5.84
N HIS A 21 -2.02 -2.35 -4.54
CA HIS A 21 -2.49 -1.18 -3.82
C HIS A 21 -1.59 0.04 -4.07
N ILE A 22 -0.31 -0.17 -4.30
CA ILE A 22 0.63 0.94 -4.54
C ILE A 22 0.28 1.69 -5.81
N THR A 23 0.04 0.97 -6.89
CA THR A 23 -0.29 1.60 -8.17
C THR A 23 -1.45 2.60 -8.02
N LEU A 24 -2.36 2.34 -7.08
CA LEU A 24 -3.51 3.22 -6.84
C LEU A 24 -3.22 4.18 -5.66
N HIS A 25 -2.64 3.65 -4.59
CA HIS A 25 -2.32 4.45 -3.41
C HIS A 25 -1.19 5.44 -3.73
N GLU A 26 -0.30 5.06 -4.65
CA GLU A 26 0.79 5.94 -5.05
C GLU A 26 0.34 6.85 -6.20
N LEU A 27 -0.71 6.42 -6.92
CA LEU A 27 -1.25 7.20 -8.03
C LEU A 27 -1.47 8.66 -7.62
N LEU A 28 -2.06 8.86 -6.43
CA LEU A 28 -2.32 10.20 -5.91
C LEU A 28 -1.04 10.81 -5.34
N GLY A 29 -0.29 10.01 -4.58
CA GLY A 29 0.94 10.49 -3.98
C GLY A 29 1.04 10.15 -2.51
N GLU A 30 1.79 10.97 -1.77
CA GLU A 30 1.97 10.76 -0.32
C GLU A 30 1.14 11.75 0.49
N GLU A 31 0.95 12.96 -0.05
CA GLU A 31 0.18 14.00 0.63
C GLU A 31 -1.31 13.64 0.66
N ARG A 32 -1.77 13.13 1.80
CA ARG A 32 -3.18 12.76 1.97
C ARG A 32 -3.91 13.78 2.83
N ARG A 33 -3.94 15.03 2.36
CA ARG A 33 -4.61 16.11 3.08
C ARG A 33 -6.02 16.34 2.54
N TYR A 1 2.78 -10.03 8.62
CA TYR A 1 2.53 -8.58 8.44
C TYR A 1 3.81 -7.78 8.62
N LYS A 2 4.60 -7.66 7.54
CA LYS A 2 5.85 -6.91 7.58
C LYS A 2 6.23 -6.39 6.19
N PHE A 3 5.25 -5.81 5.49
CA PHE A 3 5.48 -5.26 4.16
C PHE A 3 4.69 -3.98 3.96
N ALA A 4 5.40 -2.85 3.91
CA ALA A 4 4.78 -1.55 3.73
C ALA A 4 5.13 -0.94 2.38
N CYS A 5 4.22 -0.14 1.83
CA CYS A 5 4.43 0.51 0.55
C CYS A 5 5.56 1.53 0.61
N PRO A 6 6.18 1.85 -0.54
CA PRO A 6 7.27 2.82 -0.61
C PRO A 6 6.81 4.25 -0.29
N GLU A 7 5.49 4.48 -0.35
CA GLU A 7 4.92 5.80 -0.06
C GLU A 7 4.30 5.86 1.34
N CYS A 8 3.44 4.87 1.66
CA CYS A 8 2.79 4.85 2.98
C CYS A 8 3.38 3.81 3.92
N PRO A 9 3.12 4.00 5.22
CA PRO A 9 3.59 3.11 6.28
C PRO A 9 2.65 1.93 6.52
N LYS A 10 1.55 1.85 5.75
CA LYS A 10 0.56 0.79 5.89
C LYS A 10 1.21 -0.59 5.79
N ARG A 11 0.96 -1.43 6.79
CA ARG A 11 1.51 -2.78 6.82
C ARG A 11 0.48 -3.78 6.28
N PHE A 12 0.82 -4.43 5.17
CA PHE A 12 -0.07 -5.41 4.55
C PHE A 12 0.30 -6.82 5.00
N MET A 13 -0.25 -7.83 4.32
CA MET A 13 0.04 -9.23 4.65
C MET A 13 1.08 -9.82 3.70
N ARG A 14 1.01 -9.44 2.42
CA ARG A 14 1.95 -9.95 1.42
C ARG A 14 2.38 -8.84 0.46
N SER A 15 3.52 -9.06 -0.21
CA SER A 15 4.04 -8.08 -1.17
C SER A 15 3.00 -7.74 -2.23
N ASP A 16 2.29 -8.77 -2.72
CA ASP A 16 1.25 -8.59 -3.74
C ASP A 16 0.11 -7.72 -3.21
N HIS A 17 -0.22 -7.87 -1.93
CA HIS A 17 -1.28 -7.07 -1.31
C HIS A 17 -1.02 -5.57 -1.52
N LEU A 18 0.26 -5.21 -1.61
CA LEU A 18 0.66 -3.83 -1.83
C LEU A 18 0.74 -3.54 -3.32
N SER A 19 1.48 -4.39 -4.04
CA SER A 19 1.67 -4.23 -5.48
C SER A 19 0.39 -3.73 -6.18
N LYS A 20 -0.76 -4.27 -5.77
CA LYS A 20 -2.03 -3.87 -6.35
C LYS A 20 -2.54 -2.55 -5.73
N HIS A 21 -2.20 -2.32 -4.46
CA HIS A 21 -2.61 -1.11 -3.76
C HIS A 21 -1.67 0.06 -4.06
N ILE A 22 -0.37 -0.21 -4.26
CA ILE A 22 0.60 0.85 -4.53
C ILE A 22 0.33 1.54 -5.86
N THR A 23 0.08 0.76 -6.90
CA THR A 23 -0.19 1.33 -8.22
C THR A 23 -1.27 2.42 -8.19
N LEU A 24 -2.15 2.34 -7.20
CA LEU A 24 -3.23 3.33 -7.04
C LEU A 24 -2.91 4.27 -5.87
N HIS A 25 -2.43 3.70 -4.76
CA HIS A 25 -2.09 4.48 -3.58
C HIS A 25 -0.88 5.38 -3.86
N GLU A 26 0.01 4.92 -4.74
CA GLU A 26 1.18 5.70 -5.11
C GLU A 26 0.77 6.84 -6.04
N LEU A 27 -0.38 6.69 -6.70
CA LEU A 27 -0.88 7.70 -7.63
C LEU A 27 -1.93 8.60 -6.95
N LEU A 28 -3.12 8.06 -6.71
CA LEU A 28 -4.19 8.82 -6.07
C LEU A 28 -4.37 8.40 -4.61
N GLY A 29 -4.75 7.13 -4.40
CA GLY A 29 -4.96 6.63 -3.05
C GLY A 29 -6.43 6.50 -2.71
N GLU A 30 -6.82 5.31 -2.20
CA GLU A 30 -8.20 5.06 -1.82
C GLU A 30 -8.59 5.85 -0.57
N GLU A 31 -9.22 7.01 -0.78
CA GLU A 31 -9.64 7.87 0.33
C GLU A 31 -11.15 7.79 0.54
N ARG A 32 -11.55 7.34 1.73
CA ARG A 32 -12.97 7.22 2.07
C ARG A 32 -13.44 8.44 2.86
N ARG A 33 -12.73 8.74 3.94
CA ARG A 33 -13.07 9.89 4.80
C ARG A 33 -11.82 10.54 5.37
N TYR A 1 3.13 -10.06 8.86
CA TYR A 1 2.77 -8.69 8.38
C TYR A 1 3.95 -7.73 8.51
N LYS A 2 4.80 -7.71 7.48
CA LYS A 2 5.98 -6.84 7.49
C LYS A 2 6.29 -6.33 6.07
N PHE A 3 5.26 -5.78 5.41
CA PHE A 3 5.43 -5.24 4.06
C PHE A 3 4.67 -3.92 3.93
N ALA A 4 5.42 -2.83 3.77
CA ALA A 4 4.83 -1.51 3.63
C ALA A 4 5.19 -0.87 2.29
N CYS A 5 4.23 -0.13 1.72
CA CYS A 5 4.43 0.53 0.44
C CYS A 5 5.56 1.56 0.51
N PRO A 6 6.20 1.86 -0.64
CA PRO A 6 7.28 2.85 -0.70
C PRO A 6 6.83 4.25 -0.30
N GLU A 7 5.51 4.50 -0.40
CA GLU A 7 4.95 5.79 -0.06
C GLU A 7 4.36 5.81 1.36
N CYS A 8 3.44 4.88 1.65
CA CYS A 8 2.82 4.83 2.98
C CYS A 8 3.42 3.77 3.88
N PRO A 9 3.18 3.94 5.18
CA PRO A 9 3.66 3.05 6.23
C PRO A 9 2.73 1.85 6.49
N LYS A 10 1.60 1.81 5.76
CA LYS A 10 0.62 0.73 5.93
C LYS A 10 1.26 -0.65 5.77
N ARG A 11 1.06 -1.50 6.77
CA ARG A 11 1.58 -2.85 6.76
C ARG A 11 0.52 -3.84 6.27
N PHE A 12 0.80 -4.49 5.15
CA PHE A 12 -0.15 -5.45 4.58
C PHE A 12 0.22 -6.88 5.00
N MET A 13 -0.45 -7.86 4.41
CA MET A 13 -0.20 -9.26 4.72
C MET A 13 0.84 -9.88 3.76
N ARG A 14 0.76 -9.50 2.48
CA ARG A 14 1.69 -10.01 1.47
C ARG A 14 2.19 -8.89 0.57
N SER A 15 3.36 -9.10 -0.04
CA SER A 15 3.95 -8.12 -0.94
C SER A 15 2.99 -7.75 -2.06
N ASP A 16 2.30 -8.76 -2.62
CA ASP A 16 1.33 -8.54 -3.70
C ASP A 16 0.18 -7.65 -3.24
N HIS A 17 -0.21 -7.77 -1.97
CA HIS A 17 -1.30 -6.95 -1.41
C HIS A 17 -1.00 -5.47 -1.60
N LEU A 18 0.30 -5.13 -1.62
CA LEU A 18 0.73 -3.75 -1.82
C LEU A 18 0.92 -3.47 -3.29
N SER A 19 1.67 -4.34 -3.95
CA SER A 19 1.95 -4.19 -5.39
C SER A 19 0.72 -3.72 -6.15
N LYS A 20 -0.46 -4.22 -5.78
CA LYS A 20 -1.71 -3.83 -6.42
C LYS A 20 -2.24 -2.53 -5.81
N HIS A 21 -2.01 -2.35 -4.50
CA HIS A 21 -2.45 -1.16 -3.78
C HIS A 21 -1.56 0.05 -4.07
N ILE A 22 -0.27 -0.18 -4.33
CA ILE A 22 0.66 0.92 -4.60
C ILE A 22 0.32 1.64 -5.90
N THR A 23 0.04 0.88 -6.94
CA THR A 23 -0.30 1.47 -8.24
C THR A 23 -1.51 2.42 -8.15
N LEU A 24 -2.33 2.26 -7.11
CA LEU A 24 -3.50 3.13 -6.91
C LEU A 24 -3.24 4.11 -5.77
N HIS A 25 -2.62 3.62 -4.68
CA HIS A 25 -2.32 4.45 -3.52
C HIS A 25 -1.16 5.41 -3.82
N GLU A 26 -0.24 5.00 -4.68
CA GLU A 26 0.88 5.84 -5.04
C GLU A 26 0.45 6.84 -6.12
N LEU A 27 -0.69 6.56 -6.77
CA LEU A 27 -1.19 7.44 -7.83
C LEU A 27 -2.33 8.33 -7.33
N LEU A 28 -3.44 7.70 -6.94
CA LEU A 28 -4.60 8.44 -6.44
C LEU A 28 -4.62 8.48 -4.91
N GLY A 29 -4.69 7.30 -4.29
CA GLY A 29 -4.71 7.22 -2.84
C GLY A 29 -5.81 6.31 -2.33
N GLU A 30 -6.62 6.84 -1.40
CA GLU A 30 -7.72 6.07 -0.83
C GLU A 30 -8.75 6.99 -0.16
N GLU A 31 -10.01 6.55 -0.13
CA GLU A 31 -11.09 7.31 0.48
C GLU A 31 -10.82 7.57 1.97
N ARG A 32 -10.51 6.49 2.71
CA ARG A 32 -10.23 6.61 4.14
C ARG A 32 -8.98 7.46 4.39
N ARG A 33 -9.16 8.53 5.18
CA ARG A 33 -8.07 9.45 5.52
C ARG A 33 -7.72 10.36 4.34
N TYR A 1 2.57 -10.13 8.86
CA TYR A 1 2.44 -8.74 8.37
C TYR A 1 3.77 -7.98 8.46
N LYS A 2 4.51 -7.94 7.36
CA LYS A 2 5.81 -7.26 7.34
C LYS A 2 6.14 -6.74 5.93
N PHE A 3 5.20 -5.97 5.37
CA PHE A 3 5.39 -5.39 4.04
C PHE A 3 4.64 -4.06 3.92
N ALA A 4 5.41 -2.97 3.82
CA ALA A 4 4.84 -1.64 3.70
C ALA A 4 5.18 -1.00 2.36
N CYS A 5 4.25 -0.20 1.84
CA CYS A 5 4.43 0.46 0.56
C CYS A 5 5.57 1.48 0.62
N PRO A 6 6.21 1.76 -0.53
CA PRO A 6 7.30 2.74 -0.60
C PRO A 6 6.81 4.17 -0.37
N GLU A 7 5.49 4.36 -0.43
CA GLU A 7 4.89 5.69 -0.23
C GLU A 7 4.27 5.81 1.16
N CYS A 8 3.41 4.84 1.54
CA CYS A 8 2.76 4.88 2.85
C CYS A 8 3.34 3.87 3.82
N PRO A 9 3.06 4.09 5.12
CA PRO A 9 3.52 3.24 6.21
C PRO A 9 2.62 2.03 6.45
N LYS A 10 1.50 1.94 5.71
CA LYS A 10 0.55 0.84 5.85
C LYS A 10 1.24 -0.52 5.74
N ARG A 11 0.97 -1.38 6.72
CA ARG A 11 1.55 -2.72 6.74
C ARG A 11 0.52 -3.75 6.28
N PHE A 12 0.83 -4.45 5.20
CA PHE A 12 -0.06 -5.47 4.64
C PHE A 12 0.39 -6.86 5.08
N MET A 13 -0.24 -7.89 4.51
CA MET A 13 0.10 -9.28 4.84
C MET A 13 1.07 -9.88 3.82
N ARG A 14 0.87 -9.54 2.54
CA ARG A 14 1.74 -10.05 1.47
C ARG A 14 2.24 -8.92 0.58
N SER A 15 3.34 -9.17 -0.13
CA SER A 15 3.92 -8.17 -1.02
C SER A 15 2.94 -7.78 -2.13
N ASP A 16 2.26 -8.77 -2.70
CA ASP A 16 1.28 -8.53 -3.77
C ASP A 16 0.14 -7.65 -3.27
N HIS A 17 -0.23 -7.80 -1.99
CA HIS A 17 -1.30 -6.99 -1.39
C HIS A 17 -1.01 -5.50 -1.58
N LEU A 18 0.29 -5.15 -1.65
CA LEU A 18 0.71 -3.78 -1.85
C LEU A 18 0.87 -3.48 -3.32
N SER A 19 1.63 -4.33 -4.02
CA SER A 19 1.88 -4.16 -5.45
C SER A 19 0.64 -3.67 -6.19
N LYS A 20 -0.53 -4.21 -5.84
CA LYS A 20 -1.79 -3.80 -6.47
C LYS A 20 -2.32 -2.51 -5.84
N HIS A 21 -2.04 -2.33 -4.54
CA HIS A 21 -2.50 -1.14 -3.81
C HIS A 21 -1.58 0.06 -4.06
N ILE A 22 -0.28 -0.17 -4.25
CA ILE A 22 0.67 0.92 -4.48
C ILE A 22 0.37 1.67 -5.77
N THR A 23 0.14 0.94 -6.85
CA THR A 23 -0.16 1.57 -8.14
C THR A 23 -1.33 2.56 -8.06
N LEU A 24 -2.23 2.34 -7.10
CA LEU A 24 -3.38 3.24 -6.92
C LEU A 24 -3.16 4.17 -5.74
N HIS A 25 -2.59 3.63 -4.65
CA HIS A 25 -2.33 4.42 -3.45
C HIS A 25 -1.25 5.45 -3.73
N GLU A 26 -0.33 5.14 -4.64
CA GLU A 26 0.71 6.10 -5.01
C GLU A 26 0.07 7.29 -5.72
N LEU A 27 -1.16 7.10 -6.23
CA LEU A 27 -1.87 8.18 -6.91
C LEU A 27 -2.88 8.84 -5.97
N LEU A 28 -3.93 8.09 -5.61
CA LEU A 28 -4.97 8.60 -4.71
C LEU A 28 -4.61 8.32 -3.26
N GLY A 29 -4.46 7.04 -2.92
CA GLY A 29 -4.12 6.66 -1.55
C GLY A 29 -5.35 6.43 -0.69
N GLU A 30 -5.58 7.34 0.26
CA GLU A 30 -6.73 7.24 1.15
C GLU A 30 -7.27 8.64 1.49
N GLU A 31 -7.99 9.23 0.53
CA GLU A 31 -8.57 10.56 0.70
C GLU A 31 -10.02 10.46 1.13
N ARG A 32 -10.25 10.14 2.41
CA ARG A 32 -11.60 10.01 2.95
C ARG A 32 -11.96 11.23 3.82
N ARG A 33 -13.25 11.55 3.86
CA ARG A 33 -13.76 12.68 4.65
C ARG A 33 -13.31 14.02 4.06
N TYR A 1 2.90 -10.04 8.36
CA TYR A 1 2.48 -8.66 8.01
C TYR A 1 3.63 -7.66 8.15
N LYS A 2 4.72 -7.91 7.42
CA LYS A 2 5.89 -7.04 7.47
C LYS A 2 6.23 -6.52 6.07
N PHE A 3 5.26 -5.90 5.41
CA PHE A 3 5.46 -5.36 4.08
C PHE A 3 4.68 -4.04 3.91
N ALA A 4 5.41 -2.93 3.85
CA ALA A 4 4.81 -1.62 3.70
C ALA A 4 5.18 -0.99 2.36
N CYS A 5 4.25 -0.20 1.82
CA CYS A 5 4.46 0.47 0.54
C CYS A 5 5.60 1.49 0.62
N PRO A 6 6.27 1.78 -0.51
CA PRO A 6 7.35 2.76 -0.55
C PRO A 6 6.87 4.19 -0.31
N GLU A 7 5.55 4.39 -0.39
CA GLU A 7 4.96 5.72 -0.18
C GLU A 7 4.33 5.83 1.21
N CYS A 8 3.45 4.89 1.56
CA CYS A 8 2.80 4.90 2.88
C CYS A 8 3.36 3.86 3.83
N PRO A 9 3.08 4.06 5.12
CA PRO A 9 3.51 3.17 6.20
C PRO A 9 2.57 1.97 6.42
N LYS A 10 1.52 1.87 5.61
CA LYS A 10 0.54 0.78 5.73
C LYS A 10 1.21 -0.58 5.69
N ARG A 11 0.92 -1.40 6.69
CA ARG A 11 1.48 -2.75 6.78
C ARG A 11 0.47 -3.78 6.26
N PHE A 12 0.83 -4.45 5.17
CA PHE A 12 -0.05 -5.46 4.56
C PHE A 12 0.38 -6.86 5.00
N MET A 13 -0.33 -7.88 4.50
CA MET A 13 -0.02 -9.27 4.84
C MET A 13 0.98 -9.87 3.85
N ARG A 14 0.86 -9.51 2.57
CA ARG A 14 1.75 -10.02 1.53
C ARG A 14 2.29 -8.89 0.66
N SER A 15 3.37 -9.19 -0.07
CA SER A 15 3.99 -8.20 -0.97
C SER A 15 3.03 -7.81 -2.09
N ASP A 16 2.35 -8.81 -2.68
CA ASP A 16 1.39 -8.56 -3.75
C ASP A 16 0.23 -7.70 -3.26
N HIS A 17 -0.13 -7.83 -1.98
CA HIS A 17 -1.22 -7.05 -1.38
C HIS A 17 -0.96 -5.55 -1.58
N LEU A 18 0.32 -5.17 -1.67
CA LEU A 18 0.71 -3.79 -1.88
C LEU A 18 0.83 -3.49 -3.36
N SER A 19 1.58 -4.34 -4.06
CA SER A 19 1.81 -4.16 -5.50
C SER A 19 0.56 -3.67 -6.23
N LYS A 20 -0.60 -4.20 -5.85
CA LYS A 20 -1.88 -3.79 -6.45
C LYS A 20 -2.39 -2.49 -5.82
N HIS A 21 -2.10 -2.31 -4.52
CA HIS A 21 -2.53 -1.12 -3.79
C HIS A 21 -1.61 0.08 -4.05
N ILE A 22 -0.31 -0.16 -4.28
CA ILE A 22 0.64 0.92 -4.53
C ILE A 22 0.32 1.67 -5.82
N THR A 23 0.07 0.93 -6.88
CA THR A 23 -0.23 1.55 -8.17
C THR A 23 -1.43 2.51 -8.09
N LEU A 24 -2.28 2.35 -7.08
CA LEU A 24 -3.42 3.25 -6.89
C LEU A 24 -3.17 4.20 -5.73
N HIS A 25 -2.57 3.68 -4.65
CA HIS A 25 -2.27 4.48 -3.47
C HIS A 25 -1.14 5.46 -3.74
N GLU A 26 -0.18 5.06 -4.58
CA GLU A 26 0.92 5.95 -4.93
C GLU A 26 0.46 6.97 -5.97
N LEU A 27 -0.73 6.75 -6.56
CA LEU A 27 -1.28 7.66 -7.55
C LEU A 27 -2.29 8.61 -6.90
N LEU A 28 -3.42 8.06 -6.43
CA LEU A 28 -4.46 8.85 -5.79
C LEU A 28 -4.45 8.65 -4.27
N GLY A 29 -4.80 9.71 -3.55
CA GLY A 29 -4.83 9.63 -2.09
C GLY A 29 -6.11 9.00 -1.58
N GLU A 30 -5.97 8.06 -0.64
CA GLU A 30 -7.12 7.36 -0.07
C GLU A 30 -7.30 7.72 1.41
N GLU A 31 -7.99 8.84 1.66
CA GLU A 31 -8.23 9.29 3.03
C GLU A 31 -9.67 9.04 3.45
N ARG A 32 -9.85 8.20 4.46
CA ARG A 32 -11.17 7.87 4.97
C ARG A 32 -11.46 8.58 6.29
N ARG A 33 -12.68 9.10 6.42
CA ARG A 33 -13.11 9.81 7.64
C ARG A 33 -12.43 11.18 7.74
N TYR A 1 2.35 -9.39 7.88
CA TYR A 1 2.22 -8.00 8.40
C TYR A 1 3.58 -7.31 8.53
N LYS A 2 4.46 -7.54 7.55
CA LYS A 2 5.79 -6.94 7.54
C LYS A 2 6.16 -6.44 6.15
N PHE A 3 5.21 -5.77 5.50
CA PHE A 3 5.43 -5.23 4.16
C PHE A 3 4.69 -3.89 4.01
N ALA A 4 5.47 -2.81 3.86
CA ALA A 4 4.92 -1.48 3.71
C ALA A 4 5.22 -0.88 2.35
N CYS A 5 4.27 -0.13 1.80
CA CYS A 5 4.43 0.51 0.50
C CYS A 5 5.57 1.53 0.52
N PRO A 6 6.16 1.82 -0.65
CA PRO A 6 7.24 2.80 -0.78
C PRO A 6 6.80 4.21 -0.39
N GLU A 7 5.49 4.47 -0.48
CA GLU A 7 4.93 5.78 -0.14
C GLU A 7 4.35 5.81 1.28
N CYS A 8 3.44 4.87 1.57
CA CYS A 8 2.81 4.83 2.90
C CYS A 8 3.39 3.75 3.80
N PRO A 9 3.13 3.90 5.10
CA PRO A 9 3.59 2.98 6.14
C PRO A 9 2.65 1.79 6.36
N LYS A 10 1.53 1.75 5.62
CA LYS A 10 0.55 0.67 5.75
C LYS A 10 1.21 -0.70 5.65
N ARG A 11 1.00 -1.53 6.68
CA ARG A 11 1.55 -2.87 6.71
C ARG A 11 0.53 -3.90 6.23
N PHE A 12 0.83 -4.53 5.10
CA PHE A 12 -0.06 -5.53 4.51
C PHE A 12 0.38 -6.93 4.90
N MET A 13 -0.42 -7.94 4.51
CA MET A 13 -0.10 -9.33 4.81
C MET A 13 0.93 -9.90 3.83
N ARG A 14 0.80 -9.52 2.55
CA ARG A 14 1.72 -10.01 1.51
C ARG A 14 2.20 -8.87 0.62
N SER A 15 3.35 -9.07 -0.02
CA SER A 15 3.93 -8.06 -0.91
C SER A 15 2.95 -7.71 -2.03
N ASP A 16 2.28 -8.73 -2.59
CA ASP A 16 1.31 -8.51 -3.66
C ASP A 16 0.16 -7.63 -3.20
N HIS A 17 -0.23 -7.75 -1.93
CA HIS A 17 -1.31 -6.93 -1.36
C HIS A 17 -1.01 -5.45 -1.56
N LEU A 18 0.28 -5.10 -1.61
CA LEU A 18 0.70 -3.72 -1.81
C LEU A 18 0.88 -3.44 -3.28
N SER A 19 1.64 -4.31 -3.95
CA SER A 19 1.92 -4.16 -5.39
C SER A 19 0.68 -3.69 -6.16
N LYS A 20 -0.50 -4.20 -5.79
CA LYS A 20 -1.75 -3.81 -6.43
C LYS A 20 -2.29 -2.51 -5.81
N HIS A 21 -2.06 -2.33 -4.51
CA HIS A 21 -2.51 -1.15 -3.79
C HIS A 21 -1.60 0.05 -4.05
N ILE A 22 -0.31 -0.17 -4.29
CA ILE A 22 0.64 0.93 -4.53
C ILE A 22 0.34 1.66 -5.83
N THR A 23 0.10 0.92 -6.89
CA THR A 23 -0.18 1.53 -8.19
C THR A 23 -1.37 2.51 -8.11
N LEU A 24 -2.23 2.34 -7.11
CA LEU A 24 -3.38 3.23 -6.92
C LEU A 24 -3.13 4.18 -5.75
N HIS A 25 -2.63 3.64 -4.64
CA HIS A 25 -2.34 4.43 -3.45
C HIS A 25 -1.21 5.42 -3.73
N GLU A 26 -0.30 5.04 -4.64
CA GLU A 26 0.79 5.92 -5.02
C GLU A 26 0.23 7.11 -5.80
N LEU A 27 -0.97 6.93 -6.38
CA LEU A 27 -1.61 7.99 -7.15
C LEU A 27 -2.75 8.64 -6.35
N LEU A 28 -3.94 8.02 -6.37
CA LEU A 28 -5.10 8.54 -5.66
C LEU A 28 -5.39 7.73 -4.39
N GLY A 29 -6.46 8.10 -3.69
CA GLY A 29 -6.85 7.41 -2.47
C GLY A 29 -8.13 6.60 -2.66
N GLU A 30 -8.01 5.28 -2.60
CA GLU A 30 -9.17 4.40 -2.77
C GLU A 30 -9.79 4.04 -1.41
N GLU A 31 -8.94 3.65 -0.45
CA GLU A 31 -9.41 3.27 0.88
C GLU A 31 -10.01 4.48 1.60
N ARG A 32 -10.96 4.21 2.50
CA ARG A 32 -11.62 5.27 3.27
C ARG A 32 -10.63 6.00 4.17
N ARG A 33 -10.35 7.26 3.83
CA ARG A 33 -9.41 8.09 4.60
C ARG A 33 -8.01 7.49 4.61
#